data_1C3X
#
_entry.id   1C3X
#
_cell.length_a   63.319
_cell.length_b   108.340
_cell.length_c   117.562
_cell.angle_alpha   90.00
_cell.angle_beta   90.00
_cell.angle_gamma   90.00
#
_symmetry.space_group_name_H-M   'P 21 21 21'
#
loop_
_entity.id
_entity.type
_entity.pdbx_description
1 polymer PENTOSYLTRANSFERASE
2 non-polymer 'PHOSPHATE ION'
3 non-polymer 8-IODO-GUANINE
4 non-polymer 'CALCIUM ION'
5 water water
#
_entity_poly.entity_id   1
_entity_poly.type   'polypeptide(L)'
_entity_poly.pdbx_seq_one_letter_code
;PPLDDPATDPFLVARAAADHIAQATGVEGHDMALVLGSGWGGAAELLGEVVAEVPTHEIPGFSSVTRSIRVERADGSVRH
ALVLGSRTHLYEGKGVRAVVHGVRTAAATGAETLILTNGCGGLNQEWGAGTPVLLSDHINLTARSPLEGPTFVDLTDVYS
PRLRELAHRVDPTLPEGVYAQFPGPHYETPAEVRMAGILGADLVGMSTTLEAIAARHCGLEVLGVSLVTNLAAGISPTPL
SHAEVIEAGQAAGPRISALLADIAKR
;
_entity_poly.pdbx_strand_id   A,B,C
#
# COMPACT_ATOMS: atom_id res chain seq x y z
N PRO A 1 -14.66 -4.54 -26.14
CA PRO A 1 -13.37 -5.07 -25.60
C PRO A 1 -13.49 -5.19 -24.08
N PRO A 2 -12.95 -6.27 -23.51
CA PRO A 2 -13.00 -6.49 -22.06
C PRO A 2 -12.08 -5.56 -21.23
N LEU A 3 -12.66 -4.91 -20.20
CA LEU A 3 -11.93 -3.98 -19.31
C LEU A 3 -10.66 -4.58 -18.73
N ASP A 4 -10.67 -5.90 -18.51
CA ASP A 4 -9.51 -6.60 -17.96
C ASP A 4 -8.24 -6.52 -18.81
N ASP A 5 -8.38 -6.21 -20.10
CA ASP A 5 -7.18 -6.14 -20.96
C ASP A 5 -6.57 -4.75 -20.97
N PRO A 6 -5.27 -4.66 -20.62
CA PRO A 6 -4.53 -3.40 -20.56
C PRO A 6 -4.63 -2.56 -21.83
N ALA A 7 -4.85 -3.24 -22.95
CA ALA A 7 -4.96 -2.59 -24.24
C ALA A 7 -6.24 -1.75 -24.36
N THR A 8 -7.33 -2.32 -23.86
CA THR A 8 -8.60 -1.65 -23.89
C THR A 8 -8.52 -0.25 -23.22
N ASP A 9 -9.22 0.73 -23.79
CA ASP A 9 -9.24 2.08 -23.22
C ASP A 9 -10.51 2.04 -22.34
N PRO A 10 -10.36 2.10 -21.01
CA PRO A 10 -11.53 2.04 -20.12
C PRO A 10 -12.62 3.04 -20.49
N PHE A 11 -12.22 4.20 -20.99
CA PHE A 11 -13.17 5.26 -21.38
C PHE A 11 -14.05 4.92 -22.58
N LEU A 12 -13.55 4.06 -23.46
CA LEU A 12 -14.26 3.63 -24.66
C LEU A 12 -15.31 2.63 -24.21
N VAL A 13 -15.04 1.96 -23.09
CA VAL A 13 -16.01 1.00 -22.61
C VAL A 13 -17.12 1.81 -21.96
N ALA A 14 -16.74 2.84 -21.20
CA ALA A 14 -17.69 3.71 -20.53
C ALA A 14 -18.65 4.25 -21.59
N ARG A 15 -18.08 4.78 -22.69
CA ARG A 15 -18.85 5.32 -23.82
C ARG A 15 -19.83 4.27 -24.33
N ALA A 16 -19.35 3.07 -24.63
CA ALA A 16 -20.30 2.03 -25.06
C ALA A 16 -21.35 1.90 -23.96
N ALA A 17 -20.91 1.91 -22.71
CA ALA A 17 -21.82 1.76 -21.58
C ALA A 17 -22.95 2.80 -21.63
N ALA A 18 -22.59 4.09 -21.70
CA ALA A 18 -23.58 5.14 -21.72
C ALA A 18 -24.48 5.07 -22.97
N ASP A 19 -23.95 4.58 -24.09
CA ASP A 19 -24.74 4.50 -25.30
C ASP A 19 -25.76 3.38 -25.15
N HIS A 20 -25.40 2.36 -24.38
CA HIS A 20 -26.32 1.25 -24.17
C HIS A 20 -27.44 1.79 -23.30
N ILE A 21 -27.01 2.53 -22.28
CA ILE A 21 -27.95 3.11 -21.32
C ILE A 21 -28.99 4.07 -21.98
N ALA A 22 -28.56 4.94 -22.87
CA ALA A 22 -29.49 5.87 -23.52
C ALA A 22 -30.46 5.12 -24.43
N GLN A 23 -30.00 4.01 -25.00
CA GLN A 23 -30.84 3.23 -25.92
C GLN A 23 -31.87 2.46 -25.12
N ALA A 24 -31.40 1.66 -24.19
CA ALA A 24 -32.27 0.88 -23.33
C ALA A 24 -33.28 1.71 -22.52
N THR A 25 -32.88 2.91 -22.07
CA THR A 25 -33.80 3.71 -21.27
C THR A 25 -34.61 4.74 -22.01
N GLY A 26 -34.10 5.17 -23.16
CA GLY A 26 -34.79 6.19 -23.91
C GLY A 26 -34.37 7.55 -23.38
N VAL A 27 -33.45 7.55 -22.41
CA VAL A 27 -32.96 8.83 -21.87
C VAL A 27 -31.55 9.08 -22.44
N GLU A 28 -31.49 10.15 -23.21
CA GLU A 28 -30.34 10.60 -23.97
C GLU A 28 -29.13 11.07 -23.19
N GLY A 29 -29.38 11.55 -21.98
CA GLY A 29 -28.30 12.01 -21.13
C GLY A 29 -28.80 12.11 -19.70
N HIS A 30 -28.02 11.64 -18.75
CA HIS A 30 -28.51 11.83 -17.40
C HIS A 30 -27.84 13.08 -16.88
N ASP A 31 -28.36 13.56 -15.76
CA ASP A 31 -27.89 14.79 -15.14
C ASP A 31 -27.06 14.59 -13.89
N MET A 32 -27.36 13.51 -13.16
CA MET A 32 -26.69 13.20 -11.90
C MET A 32 -26.67 11.70 -11.73
N ALA A 33 -25.76 11.19 -10.91
CA ALA A 33 -25.69 9.74 -10.68
C ALA A 33 -25.50 9.47 -9.21
N LEU A 34 -26.07 8.34 -8.73
CA LEU A 34 -26.00 7.90 -7.34
C LEU A 34 -25.50 6.53 -7.22
N VAL A 35 -24.55 6.37 -6.30
CA VAL A 35 -24.01 5.05 -6.02
C VAL A 35 -24.52 4.77 -4.63
N LEU A 36 -25.23 3.67 -4.49
CA LEU A 36 -25.81 3.27 -3.20
C LEU A 36 -24.93 2.25 -2.45
N GLY A 37 -24.36 2.68 -1.33
CA GLY A 37 -23.52 1.80 -0.53
C GLY A 37 -24.24 0.91 0.46
N SER A 38 -23.47 0.37 1.41
CA SER A 38 -24.06 -0.49 2.41
C SER A 38 -24.92 0.37 3.31
N GLY A 39 -26.20 -0.02 3.40
CA GLY A 39 -27.19 0.71 4.18
C GLY A 39 -28.00 1.70 3.33
N TRP A 40 -27.68 1.87 2.05
CA TRP A 40 -28.43 2.81 1.22
C TRP A 40 -29.32 2.13 0.18
N GLY A 41 -29.34 0.80 0.21
CA GLY A 41 -30.16 0.05 -0.72
C GLY A 41 -31.56 0.60 -0.98
N GLY A 42 -32.17 1.27 0.00
CA GLY A 42 -33.52 1.80 -0.17
C GLY A 42 -33.59 3.30 -0.16
N ALA A 43 -32.42 3.92 -0.14
CA ALA A 43 -32.28 5.37 -0.11
C ALA A 43 -32.65 6.05 -1.40
N ALA A 44 -33.03 5.29 -2.45
CA ALA A 44 -33.42 5.99 -3.68
C ALA A 44 -34.88 5.76 -3.99
N GLU A 45 -35.61 5.22 -3.03
CA GLU A 45 -37.03 4.94 -3.30
C GLU A 45 -37.99 6.13 -3.28
N LEU A 46 -37.52 7.27 -2.78
CA LEU A 46 -38.35 8.46 -2.76
C LEU A 46 -37.73 9.45 -3.73
N LEU A 47 -36.80 8.97 -4.54
CA LEU A 47 -36.11 9.83 -5.48
C LEU A 47 -37.00 10.43 -6.56
N GLY A 48 -37.87 9.59 -7.14
CA GLY A 48 -38.78 10.06 -8.18
C GLY A 48 -39.39 8.92 -8.96
N GLU A 49 -39.83 9.21 -10.17
CA GLU A 49 -40.44 8.17 -11.02
C GLU A 49 -39.39 7.35 -11.78
N VAL A 50 -39.39 6.05 -11.54
CA VAL A 50 -38.43 5.24 -12.25
C VAL A 50 -38.87 5.04 -13.69
N VAL A 51 -38.19 5.73 -14.60
CA VAL A 51 -38.45 5.65 -16.03
C VAL A 51 -38.02 4.33 -16.73
N ALA A 52 -36.97 3.66 -16.24
CA ALA A 52 -36.50 2.39 -16.83
C ALA A 52 -35.50 1.66 -15.90
N GLU A 53 -35.42 0.32 -15.98
CA GLU A 53 -34.47 -0.44 -15.16
C GLU A 53 -33.71 -1.34 -16.09
N VAL A 54 -32.38 -1.29 -16.07
CA VAL A 54 -31.59 -2.10 -17.00
C VAL A 54 -30.82 -3.14 -16.22
N PRO A 55 -30.99 -4.42 -16.53
CA PRO A 55 -30.23 -5.40 -15.76
C PRO A 55 -28.76 -5.03 -15.98
N THR A 56 -28.09 -4.65 -14.88
CA THR A 56 -26.70 -4.20 -14.92
C THR A 56 -25.73 -5.03 -15.78
N HIS A 57 -25.72 -6.34 -15.58
CA HIS A 57 -24.85 -7.26 -16.29
C HIS A 57 -25.11 -7.28 -17.78
N GLU A 58 -25.98 -6.39 -18.24
CA GLU A 58 -26.32 -6.35 -19.65
C GLU A 58 -25.69 -5.16 -20.34
N ILE A 59 -25.16 -4.25 -19.50
CA ILE A 59 -24.49 -3.03 -19.97
C ILE A 59 -23.03 -3.35 -20.24
N PRO A 60 -22.49 -2.87 -21.36
CA PRO A 60 -21.08 -3.14 -21.67
C PRO A 60 -20.14 -2.75 -20.52
N GLY A 61 -19.19 -3.62 -20.23
CA GLY A 61 -18.23 -3.30 -19.20
C GLY A 61 -18.55 -3.86 -17.85
N PHE A 62 -19.82 -4.18 -17.58
CA PHE A 62 -20.17 -4.71 -16.28
C PHE A 62 -20.16 -6.22 -16.09
N SER A 63 -20.66 -6.61 -14.92
CA SER A 63 -20.78 -7.99 -14.42
C SER A 63 -19.85 -8.08 -13.21
N SER A 64 -27.38 -4.88 -9.60
CA SER A 64 -27.66 -5.95 -10.58
C SER A 64 -28.67 -5.36 -11.57
N VAL A 65 -29.21 -4.20 -11.23
CA VAL A 65 -30.14 -3.50 -12.10
C VAL A 65 -29.72 -2.03 -12.00
N THR A 66 -29.68 -1.33 -13.13
CA THR A 66 -29.33 0.09 -13.14
C THR A 66 -30.62 0.87 -13.46
N ARG A 67 -30.86 1.98 -12.77
CA ARG A 67 -32.11 2.71 -12.96
C ARG A 67 -32.06 4.17 -13.43
N SER A 68 -33.02 4.50 -14.28
CA SER A 68 -33.13 5.85 -14.73
C SER A 68 -34.36 6.35 -13.99
N ILE A 69 -34.21 7.47 -13.29
CA ILE A 69 -35.32 8.01 -12.56
C ILE A 69 -35.51 9.48 -12.86
N ARG A 70 -36.77 9.90 -12.99
CA ARG A 70 -37.11 11.30 -13.25
C ARG A 70 -37.20 12.06 -11.94
N VAL A 71 -36.50 13.18 -11.82
CA VAL A 71 -36.63 13.96 -10.59
C VAL A 71 -37.42 15.24 -10.89
N GLU A 72 -38.62 15.34 -10.33
CA GLU A 72 -39.45 16.52 -10.57
C GLU A 72 -39.05 17.61 -9.60
N ARG A 73 -38.55 18.72 -10.13
CA ARG A 73 -38.10 19.79 -9.27
C ARG A 73 -39.18 20.81 -8.89
N ALA A 74 -38.81 21.74 -7.99
CA ALA A 74 -39.70 22.81 -7.50
C ALA A 74 -40.33 23.54 -8.67
N ASP A 75 -39.45 24.17 -9.44
CA ASP A 75 -39.84 24.95 -10.61
C ASP A 75 -40.56 24.16 -11.73
N GLY A 76 -40.93 22.89 -11.49
CA GLY A 76 -41.62 22.15 -12.52
C GLY A 76 -40.75 21.46 -13.57
N SER A 77 -39.47 21.83 -13.66
CA SER A 77 -38.55 21.19 -14.61
C SER A 77 -38.11 19.78 -14.12
N VAL A 78 -37.45 19.02 -15.00
CA VAL A 78 -36.96 17.69 -14.63
C VAL A 78 -35.46 17.55 -14.71
N ARG A 79 -34.99 16.45 -14.11
CA ARG A 79 -33.60 16.06 -14.08
C ARG A 79 -33.68 14.57 -14.13
N HIS A 80 -32.72 13.91 -14.76
CA HIS A 80 -32.72 12.45 -14.77
C HIS A 80 -31.52 11.98 -13.96
N ALA A 81 -31.79 11.08 -13.02
CA ALA A 81 -30.73 10.52 -12.18
C ALA A 81 -30.44 9.10 -12.62
N LEU A 82 -29.16 8.76 -12.66
CA LEU A 82 -28.78 7.39 -13.01
C LEU A 82 -28.45 6.73 -11.64
N VAL A 83 -29.14 5.66 -11.29
CA VAL A 83 -28.81 5.03 -10.04
C VAL A 83 -28.06 3.73 -10.36
N LEU A 84 -26.74 3.80 -10.31
CA LEU A 84 -25.91 2.65 -10.64
C LEU A 84 -26.24 1.43 -9.82
N GLY A 85 -26.28 0.30 -10.52
CA GLY A 85 -26.61 -0.95 -9.88
C GLY A 85 -25.53 -1.40 -8.92
N SER A 86 -24.90 -2.49 -9.31
CA SER A 86 -23.81 -3.11 -8.56
C SER A 86 -23.03 -2.31 -7.49
N ARG A 87 -21.76 -2.18 -7.81
CA ARG A 87 -20.72 -1.55 -7.02
C ARG A 87 -19.72 -2.67 -6.84
N THR A 88 -18.67 -2.64 -7.64
CA THR A 88 -17.60 -3.61 -7.55
C THR A 88 -16.49 -3.05 -6.65
N HIS A 89 -16.06 -3.85 -5.68
CA HIS A 89 -15.04 -3.42 -4.76
C HIS A 89 -13.62 -3.78 -5.10
N LEU A 90 -12.71 -2.99 -4.56
CA LEU A 90 -11.31 -3.21 -4.79
C LEU A 90 -11.02 -4.65 -4.39
N TYR A 91 -11.48 -5.06 -3.22
CA TYR A 91 -11.23 -6.44 -2.72
C TYR A 91 -11.80 -7.58 -3.54
N GLU A 92 -12.63 -7.27 -4.53
CA GLU A 92 -13.17 -8.33 -5.36
C GLU A 92 -12.11 -8.84 -6.32
N GLY A 93 -10.96 -8.14 -6.41
CA GLY A 93 -9.88 -8.55 -7.27
C GLY A 93 -10.15 -8.47 -8.76
N LYS A 94 -11.12 -7.64 -9.16
CA LYS A 94 -11.44 -7.56 -10.58
C LYS A 94 -10.71 -6.41 -11.26
N GLY A 95 -9.99 -5.61 -10.45
CA GLY A 95 -9.24 -4.50 -10.98
C GLY A 95 -9.81 -3.14 -10.65
N VAL A 96 -8.94 -2.11 -10.62
CA VAL A 96 -9.39 -0.78 -10.30
C VAL A 96 -10.31 -0.21 -11.42
N ARG A 97 -10.27 -0.81 -12.60
CA ARG A 97 -11.06 -0.27 -13.69
C ARG A 97 -12.50 -0.65 -13.47
N ALA A 98 -12.69 -1.85 -12.94
CA ALA A 98 -14.02 -2.37 -12.63
C ALA A 98 -14.62 -1.57 -11.49
N VAL A 99 -13.75 -1.02 -10.65
CA VAL A 99 -14.21 -0.29 -9.50
C VAL A 99 -14.83 1.05 -9.89
N VAL A 100 -14.16 1.76 -10.78
CA VAL A 100 -14.66 3.06 -11.15
C VAL A 100 -15.36 3.10 -12.54
N HIS A 101 -15.72 1.94 -13.08
CA HIS A 101 -16.36 1.89 -14.37
C HIS A 101 -17.73 2.58 -14.27
N GLY A 102 -18.51 2.26 -13.23
CA GLY A 102 -19.80 2.90 -13.08
C GLY A 102 -19.62 4.41 -13.10
N VAL A 103 -18.68 4.93 -12.30
CA VAL A 103 -18.49 6.37 -12.29
C VAL A 103 -18.19 6.94 -13.67
N ARG A 104 -17.51 6.17 -14.52
CA ARG A 104 -17.13 6.71 -15.84
C ARG A 104 -18.30 6.52 -16.78
N THR A 105 -19.08 5.48 -16.53
CA THR A 105 -20.26 5.27 -17.34
C THR A 105 -21.20 6.45 -17.06
N ALA A 106 -21.37 6.80 -15.78
CA ALA A 106 -22.22 7.92 -15.43
C ALA A 106 -21.72 9.20 -16.12
N ALA A 107 -20.42 9.47 -16.03
CA ALA A 107 -19.85 10.66 -16.67
C ALA A 107 -20.21 10.67 -18.16
N ALA A 108 -20.08 9.51 -18.79
CA ALA A 108 -20.38 9.36 -20.21
C ALA A 108 -21.85 9.72 -20.56
N THR A 109 -22.78 9.54 -19.62
CA THR A 109 -24.17 9.82 -19.90
C THR A 109 -24.44 11.29 -19.81
N GLY A 110 -23.43 12.04 -19.34
CA GLY A 110 -23.60 13.49 -19.25
C GLY A 110 -23.88 13.98 -17.86
N ALA A 111 -23.88 13.09 -16.86
CA ALA A 111 -24.13 13.51 -15.48
C ALA A 111 -23.03 14.45 -15.09
N GLU A 112 -23.38 15.53 -14.39
CA GLU A 112 -22.37 16.48 -13.95
C GLU A 112 -22.24 16.39 -12.41
N THR A 113 -23.17 15.66 -11.79
CA THR A 113 -23.15 15.48 -10.36
C THR A 113 -23.22 14.00 -9.99
N LEU A 114 -22.33 13.63 -9.06
CA LEU A 114 -22.20 12.28 -8.55
C LEU A 114 -22.33 12.33 -7.03
N ILE A 115 -23.19 11.46 -6.52
CA ILE A 115 -23.42 11.33 -5.08
C ILE A 115 -22.94 9.92 -4.80
N LEU A 116 -21.98 9.80 -3.87
CA LEU A 116 -21.43 8.50 -3.51
C LEU A 116 -21.83 8.33 -2.06
N THR A 117 -22.32 7.15 -1.71
CA THR A 117 -22.72 6.92 -0.33
C THR A 117 -22.06 5.62 0.07
N ASN A 118 -21.83 5.43 1.36
CA ASN A 118 -21.26 4.14 1.77
C ASN A 118 -21.52 3.93 3.26
N GLY A 119 -21.28 2.71 3.72
CA GLY A 119 -21.43 2.40 5.13
C GLY A 119 -20.00 2.27 5.67
N CYS A 120 -19.77 2.73 6.90
CA CYS A 120 -18.41 2.66 7.41
C CYS A 120 -18.44 2.57 8.90
N GLY A 121 -17.24 2.52 9.49
CA GLY A 121 -17.10 2.49 10.94
C GLY A 121 -16.78 3.95 11.32
N GLY A 122 -17.29 4.40 12.47
CA GLY A 122 -17.02 5.76 12.89
C GLY A 122 -16.01 5.78 14.04
N LEU A 123 -15.27 6.89 14.15
CA LEU A 123 -14.26 7.09 15.20
C LEU A 123 -14.61 8.22 16.18
N ASN A 124 -15.66 8.98 15.88
CA ASN A 124 -16.13 10.07 16.76
C ASN A 124 -17.19 9.35 17.58
N GLN A 125 -17.14 9.44 18.89
CA GLN A 125 -18.16 8.75 19.63
C GLN A 125 -19.50 9.45 19.58
N GLU A 126 -19.50 10.70 19.12
CA GLU A 126 -20.73 11.46 19.03
C GLU A 126 -21.61 10.94 17.90
N TRP A 127 -21.00 10.28 16.93
CA TRP A 127 -21.74 9.78 15.77
C TRP A 127 -22.06 8.31 15.86
N GLY A 128 -23.08 7.99 16.66
CA GLY A 128 -23.45 6.59 16.82
C GLY A 128 -23.91 5.93 15.55
N ALA A 129 -24.18 4.61 15.60
CA ALA A 129 -24.63 3.89 14.41
C ALA A 129 -25.89 4.57 13.94
N GLY A 130 -26.10 4.62 12.62
CA GLY A 130 -27.29 5.27 12.10
C GLY A 130 -27.07 6.73 11.72
N THR A 131 -25.92 7.30 12.11
CA THR A 131 -25.57 8.70 11.79
C THR A 131 -25.08 8.95 10.34
N PRO A 132 -25.74 9.82 9.58
CA PRO A 132 -25.22 10.09 8.23
C PRO A 132 -24.14 11.19 8.36
N VAL A 133 -23.04 11.05 7.62
CA VAL A 133 -21.96 12.05 7.72
C VAL A 133 -21.45 12.53 6.35
N LEU A 134 -21.42 13.85 6.12
CA LEU A 134 -20.89 14.30 4.82
C LEU A 134 -19.37 14.22 4.85
N LEU A 135 -18.79 13.79 3.73
CA LEU A 135 -17.33 13.72 3.57
C LEU A 135 -16.76 15.11 3.18
N SER A 136 -15.82 15.62 3.98
CA SER A 136 -15.23 16.93 3.63
C SER A 136 -13.88 16.73 2.89
N ASP A 137 -13.36 15.49 2.95
CA ASP A 137 -12.09 15.09 2.33
C ASP A 137 -11.83 13.60 2.62
N HIS A 138 -10.85 13.00 1.93
CA HIS A 138 -10.55 11.58 2.17
C HIS A 138 -9.08 11.28 2.24
N ILE A 139 -8.78 10.04 2.65
CA ILE A 139 -7.42 9.54 2.78
C ILE A 139 -7.49 8.14 2.17
N ASN A 140 -6.88 7.98 1.00
CA ASN A 140 -6.84 6.70 0.25
C ASN A 140 -5.63 5.92 0.68
N LEU A 141 -5.87 4.89 1.47
CA LEU A 141 -4.82 4.05 2.02
C LEU A 141 -4.70 2.75 1.23
N THR A 142 -5.19 2.75 0.01
CA THR A 142 -5.10 1.50 -0.76
C THR A 142 -3.81 1.43 -1.54
N ALA A 143 -3.05 2.53 -1.59
CA ALA A 143 -1.77 2.53 -2.36
C ALA A 143 -2.10 2.27 -3.80
N ARG A 144 -3.37 2.50 -4.14
CA ARG A 144 -3.81 2.32 -5.51
C ARG A 144 -4.53 3.58 -5.99
N SER A 145 -4.59 3.66 -7.32
CA SER A 145 -5.19 4.79 -7.97
C SER A 145 -6.03 4.33 -9.12
N PRO A 146 -7.04 5.11 -9.47
CA PRO A 146 -7.88 4.74 -10.60
C PRO A 146 -7.27 5.28 -11.89
N LEU A 147 -6.43 6.30 -11.79
CA LEU A 147 -5.83 6.92 -12.98
C LEU A 147 -4.62 6.10 -13.48
N GLU A 148 -4.52 5.90 -14.80
CA GLU A 148 -3.45 5.07 -15.37
C GLU A 148 -2.29 5.76 -16.11
N GLY A 149 -2.13 7.07 -16.06
CA GLY A 149 -1.00 7.59 -16.79
C GLY A 149 -0.56 8.90 -16.21
N PRO A 150 0.33 9.63 -16.87
CA PRO A 150 0.76 10.90 -16.32
C PRO A 150 -0.46 11.78 -16.27
N THR A 151 -1.54 11.20 -15.78
CA THR A 151 -2.81 11.91 -15.67
C THR A 151 -2.72 12.69 -14.36
N PHE A 152 -2.13 13.88 -14.40
CA PHE A 152 -2.01 14.65 -13.16
C PHE A 152 -3.26 15.50 -12.96
N VAL A 153 -4.09 15.05 -12.02
CA VAL A 153 -5.38 15.66 -11.66
C VAL A 153 -5.41 16.24 -10.22
N ASP A 154 -6.01 17.42 -10.12
CA ASP A 154 -6.09 18.15 -8.86
C ASP A 154 -7.17 17.63 -7.92
N LEU A 155 -6.81 17.30 -6.66
CA LEU A 155 -7.74 16.82 -5.65
C LEU A 155 -7.86 17.77 -4.43
N THR A 156 -7.57 19.06 -4.64
CA THR A 156 -7.65 20.05 -3.57
C THR A 156 -9.05 20.23 -3.02
N ASP A 157 -10.06 19.87 -3.81
CA ASP A 157 -11.43 19.94 -3.30
C ASP A 157 -12.21 18.82 -3.97
N VAL A 158 -11.91 17.59 -3.56
CA VAL A 158 -12.60 16.45 -4.15
C VAL A 158 -14.09 16.56 -3.84
N TYR A 159 -14.43 16.84 -2.58
CA TYR A 159 -15.82 16.94 -2.17
C TYR A 159 -16.33 18.37 -2.18
N SER A 160 -17.00 18.66 -3.28
CA SER A 160 -17.59 19.94 -3.59
C SER A 160 -18.27 20.71 -2.49
N PRO A 161 -17.83 21.96 -2.26
CA PRO A 161 -18.37 22.86 -1.24
C PRO A 161 -19.83 23.15 -1.63
N ARG A 162 -20.05 23.29 -2.94
CA ARG A 162 -21.37 23.59 -3.48
C ARG A 162 -22.42 22.55 -3.00
N LEU A 163 -22.18 21.28 -3.30
CA LEU A 163 -23.04 20.16 -2.92
C LEU A 163 -23.19 20.01 -1.41
N ARG A 164 -22.12 20.22 -0.64
CA ARG A 164 -22.26 20.07 0.80
C ARG A 164 -23.10 21.26 1.26
N GLU A 165 -23.09 22.34 0.49
CA GLU A 165 -23.87 23.51 0.93
C GLU A 165 -25.33 23.05 0.84
N LEU A 166 -25.69 22.63 -0.37
CA LEU A 166 -27.04 22.16 -0.63
C LEU A 166 -27.48 21.11 0.41
N ALA A 167 -26.67 20.11 0.70
CA ALA A 167 -27.04 19.07 1.67
C ALA A 167 -27.34 19.71 3.02
N HIS A 168 -26.60 20.74 3.38
CA HIS A 168 -26.85 21.42 4.65
C HIS A 168 -28.12 22.26 4.66
N ARG A 169 -28.66 22.58 3.49
CA ARG A 169 -29.93 23.31 3.45
C ARG A 169 -30.97 22.26 3.82
N VAL A 170 -30.82 21.08 3.24
CA VAL A 170 -31.75 19.99 3.50
C VAL A 170 -31.72 19.60 4.94
N ASP A 171 -30.52 19.45 5.48
CA ASP A 171 -30.38 19.07 6.90
C ASP A 171 -29.12 19.72 7.51
N PRO A 172 -29.24 20.94 8.01
CA PRO A 172 -28.07 21.61 8.59
C PRO A 172 -27.37 20.88 9.71
N THR A 173 -27.86 19.71 10.10
CA THR A 173 -27.21 19.06 11.21
C THR A 173 -26.25 17.96 10.78
N LEU A 174 -26.16 17.68 9.49
CA LEU A 174 -25.23 16.62 9.07
C LEU A 174 -23.82 17.06 9.41
N PRO A 175 -23.10 16.26 10.23
CA PRO A 175 -21.73 16.66 10.56
C PRO A 175 -20.95 16.33 9.32
N GLU A 176 -19.67 16.70 9.29
CA GLU A 176 -18.76 16.43 8.15
C GLU A 176 -17.58 15.66 8.69
N GLY A 177 -16.98 14.81 7.86
CA GLY A 177 -15.85 14.06 8.33
C GLY A 177 -14.89 13.74 7.21
N VAL A 178 -13.70 13.30 7.59
CA VAL A 178 -12.60 12.89 6.70
C VAL A 178 -12.68 11.36 6.68
N TYR A 179 -12.85 10.79 5.49
CA TYR A 179 -13.00 9.34 5.28
C TYR A 179 -11.73 8.64 4.81
N ALA A 180 -11.43 7.47 5.42
CA ALA A 180 -10.24 6.73 5.06
C ALA A 180 -10.60 5.44 4.37
N GLN A 181 -10.08 5.21 3.17
CA GLN A 181 -10.39 3.94 2.54
C GLN A 181 -9.27 2.93 2.74
N PHE A 182 -9.58 1.80 3.35
CA PHE A 182 -8.62 0.73 3.52
C PHE A 182 -9.04 -0.23 2.39
N PRO A 183 -8.13 -1.11 1.93
CA PRO A 183 -8.50 -2.05 0.86
C PRO A 183 -9.45 -3.20 1.30
N GLY A 184 -9.48 -3.52 2.61
CA GLY A 184 -10.32 -4.58 3.13
C GLY A 184 -10.03 -5.90 2.46
N PRO A 185 -10.96 -6.88 2.50
CA PRO A 185 -12.28 -6.84 3.15
C PRO A 185 -12.26 -7.01 4.68
N HIS A 186 -11.15 -7.43 5.30
CA HIS A 186 -11.13 -7.55 6.75
C HIS A 186 -11.36 -6.18 7.36
N TYR A 187 -11.78 -6.16 8.63
CA TYR A 187 -12.01 -4.90 9.30
C TYR A 187 -10.71 -4.53 9.97
N GLU A 188 -10.64 -3.31 10.49
CA GLU A 188 -9.44 -2.86 11.13
C GLU A 188 -9.31 -3.35 12.56
N THR A 189 -8.08 -3.47 13.01
CA THR A 189 -7.79 -3.89 14.37
C THR A 189 -7.86 -2.64 15.25
N PRO A 190 -8.05 -2.85 16.54
CA PRO A 190 -8.09 -1.66 17.39
C PRO A 190 -6.87 -0.71 17.07
N ALA A 191 -5.67 -1.28 16.91
CA ALA A 191 -4.46 -0.49 16.62
C ALA A 191 -4.58 0.24 15.26
N GLU A 192 -5.03 -0.46 14.21
CA GLU A 192 -5.22 0.19 12.91
C GLU A 192 -6.29 1.29 13.04
N VAL A 193 -7.31 1.08 13.88
CA VAL A 193 -8.34 2.15 14.01
C VAL A 193 -7.78 3.40 14.64
N ARG A 194 -6.97 3.20 15.68
CA ARG A 194 -6.33 4.34 16.37
C ARG A 194 -5.43 5.03 15.35
N MET A 195 -4.78 4.19 14.54
CA MET A 195 -3.88 4.64 13.49
C MET A 195 -4.65 5.54 12.51
N ALA A 196 -5.86 5.13 12.12
CA ALA A 196 -6.63 5.97 11.18
C ALA A 196 -6.88 7.28 11.87
N GLY A 197 -7.03 7.22 13.18
CA GLY A 197 -7.28 8.44 13.90
C GLY A 197 -6.06 9.35 13.83
N ILE A 198 -4.94 8.75 14.20
CA ILE A 198 -3.67 9.44 14.18
C ILE A 198 -3.41 10.07 12.82
N LEU A 199 -3.79 9.37 11.74
CA LEU A 199 -3.58 9.93 10.40
C LEU A 199 -4.58 10.99 10.00
N GLY A 200 -5.60 11.23 10.85
CA GLY A 200 -6.59 12.28 10.55
C GLY A 200 -7.96 11.90 9.98
N ALA A 201 -8.33 10.62 10.08
CA ALA A 201 -9.62 10.12 9.60
C ALA A 201 -10.67 10.18 10.71
N ASP A 202 -11.94 10.35 10.34
CA ASP A 202 -13.01 10.35 11.33
C ASP A 202 -13.83 9.16 10.98
N LEU A 203 -13.59 8.58 9.79
CA LEU A 203 -14.38 7.44 9.29
C LEU A 203 -13.52 6.44 8.50
N VAL A 204 -13.84 5.15 8.57
CA VAL A 204 -13.06 4.16 7.84
C VAL A 204 -14.03 3.32 7.08
N GLY A 205 -13.66 2.98 5.85
CA GLY A 205 -14.52 2.16 5.00
C GLY A 205 -13.66 1.51 3.95
N MET A 206 -14.27 0.79 3.00
CA MET A 206 -13.54 0.09 1.93
C MET A 206 -13.88 0.53 0.51
N SER A 207 -14.21 1.81 0.32
CA SER A 207 -14.54 2.22 -1.03
C SER A 207 -14.53 3.73 -1.18
N THR A 208 -15.23 4.20 -2.19
CA THR A 208 -15.38 5.62 -2.39
C THR A 208 -14.25 6.51 -2.88
N THR A 209 -13.06 6.44 -2.27
CA THR A 209 -12.00 7.42 -2.69
C THR A 209 -11.50 7.17 -4.10
N LEU A 210 -11.36 5.91 -4.48
CA LEU A 210 -10.95 5.59 -5.84
C LEU A 210 -12.01 6.21 -6.74
N GLU A 211 -13.29 5.95 -6.43
CA GLU A 211 -14.42 6.45 -7.22
C GLU A 211 -14.44 7.96 -7.32
N ALA A 212 -14.16 8.62 -6.21
CA ALA A 212 -14.12 10.09 -6.17
C ALA A 212 -13.01 10.68 -7.08
N ILE A 213 -11.84 10.05 -7.04
CA ILE A 213 -10.71 10.52 -7.84
C ILE A 213 -11.07 10.30 -9.29
N ALA A 214 -11.56 9.11 -9.59
CA ALA A 214 -12.00 8.82 -10.95
C ALA A 214 -12.99 9.93 -11.38
N ALA A 215 -13.99 10.20 -10.54
CA ALA A 215 -14.99 11.19 -10.87
C ALA A 215 -14.42 12.58 -11.13
N ARG A 216 -13.59 13.11 -10.23
CA ARG A 216 -13.02 14.43 -10.44
C ARG A 216 -12.21 14.46 -11.77
N HIS A 217 -11.47 13.40 -12.04
CA HIS A 217 -10.72 13.41 -13.27
C HIS A 217 -11.66 13.52 -14.45
N CYS A 218 -12.91 13.07 -14.25
CA CYS A 218 -13.93 13.13 -15.32
C CYS A 218 -14.74 14.41 -15.24
N GLY A 219 -14.32 15.33 -14.38
CA GLY A 219 -15.02 16.61 -14.29
C GLY A 219 -16.33 16.71 -13.54
N LEU A 220 -16.70 15.67 -12.78
CA LEU A 220 -17.97 15.69 -12.04
C LEU A 220 -17.83 16.31 -10.66
N GLU A 221 -18.96 16.83 -10.16
CA GLU A 221 -19.05 17.42 -8.80
C GLU A 221 -19.39 16.25 -7.89
N VAL A 222 -18.64 16.06 -6.80
CA VAL A 222 -18.91 14.92 -5.95
C VAL A 222 -19.41 15.30 -4.58
N LEU A 223 -20.38 14.53 -4.11
CA LEU A 223 -21.01 14.70 -2.79
C LEU A 223 -20.80 13.37 -2.15
N GLY A 224 -20.08 13.32 -1.03
CA GLY A 224 -19.90 12.02 -0.40
C GLY A 224 -20.63 11.95 0.94
N VAL A 225 -21.46 10.93 1.11
CA VAL A 225 -22.22 10.79 2.35
C VAL A 225 -21.98 9.41 2.93
N SER A 226 -21.52 9.36 4.17
CA SER A 226 -21.31 8.06 4.81
C SER A 226 -22.43 7.81 5.78
N LEU A 227 -22.70 6.55 6.06
CA LEU A 227 -23.71 6.16 7.05
C LEU A 227 -22.93 5.29 8.05
N VAL A 228 -22.65 5.83 9.22
CA VAL A 228 -21.94 5.07 10.24
C VAL A 228 -22.71 3.81 10.56
N THR A 229 -22.16 2.66 10.17
CA THR A 229 -22.77 1.36 10.46
C THR A 229 -22.61 1.10 11.95
N ASN A 230 -21.43 1.41 12.51
CA ASN A 230 -21.21 1.21 13.93
C ASN A 230 -19.81 1.70 14.30
N LEU A 231 -19.62 2.05 15.57
CA LEU A 231 -18.35 2.58 15.96
C LEU A 231 -17.26 1.60 15.62
N ALA A 232 -16.09 2.09 15.14
CA ALA A 232 -14.97 1.19 14.78
C ALA A 232 -14.49 0.32 15.96
N ALA A 233 -13.73 -0.73 15.68
CA ALA A 233 -13.27 -1.60 16.79
C ALA A 233 -12.50 -0.80 17.85
N GLY A 234 -12.73 -1.15 19.11
CA GLY A 234 -12.08 -0.45 20.21
C GLY A 234 -12.55 0.98 20.52
N ILE A 235 -13.39 1.56 19.66
CA ILE A 235 -13.84 2.92 19.91
C ILE A 235 -14.81 3.09 21.07
N SER A 236 -15.91 2.36 21.04
CA SER A 236 -16.86 2.44 22.14
C SER A 236 -16.47 1.42 23.19
N PRO A 237 -16.47 1.85 24.47
CA PRO A 237 -16.13 1.04 25.66
C PRO A 237 -17.07 -0.17 25.63
N THR A 238 -18.30 0.19 25.25
CA THR A 238 -19.46 -0.69 25.14
C THR A 238 -19.87 -1.13 23.71
N PRO A 239 -19.42 -2.32 23.23
CA PRO A 239 -19.90 -2.58 21.85
C PRO A 239 -21.43 -2.68 21.68
N LEU A 240 -21.92 -2.33 20.49
CA LEU A 240 -23.34 -2.50 20.27
C LEU A 240 -23.40 -3.91 19.66
N SER A 241 -24.43 -4.66 20.07
CA SER A 241 -24.66 -6.03 19.63
C SER A 241 -24.98 -5.99 18.15
N HIS A 242 -25.11 -7.12 17.49
CA HIS A 242 -25.44 -6.99 16.11
C HIS A 242 -26.88 -6.52 15.95
N ALA A 243 -27.70 -6.89 16.92
CA ALA A 243 -29.11 -6.51 16.85
C ALA A 243 -29.25 -5.02 16.90
N GLU A 244 -28.39 -4.39 17.69
CA GLU A 244 -28.42 -2.93 17.81
C GLU A 244 -27.94 -2.26 16.52
N VAL A 245 -26.91 -2.83 15.90
CA VAL A 245 -26.39 -2.28 14.68
C VAL A 245 -27.43 -2.39 13.62
N ILE A 246 -27.81 -3.61 13.26
CA ILE A 246 -28.82 -3.76 12.21
C ILE A 246 -30.03 -2.87 12.49
N GLU A 247 -30.36 -2.76 13.76
CA GLU A 247 -31.51 -1.97 14.16
C GLU A 247 -31.36 -0.47 13.96
N ALA A 248 -30.22 0.08 14.41
CA ALA A 248 -29.94 1.52 14.23
C ALA A 248 -29.81 1.80 12.73
N GLY A 249 -29.44 0.76 11.95
CA GLY A 249 -29.28 0.91 10.51
C GLY A 249 -30.63 1.00 9.82
N GLN A 250 -31.59 0.21 10.26
CA GLN A 250 -32.90 0.27 9.62
C GLN A 250 -33.64 1.53 9.99
N ALA A 251 -33.53 1.93 11.26
CA ALA A 251 -34.21 3.15 11.70
C ALA A 251 -33.76 4.35 10.88
N ALA A 252 -32.55 4.29 10.34
CA ALA A 252 -32.06 5.43 9.58
C ALA A 252 -32.57 5.44 8.13
N GLY A 253 -33.10 4.30 7.66
CA GLY A 253 -33.61 4.20 6.29
C GLY A 253 -34.49 5.38 5.87
N PRO A 254 -35.56 5.66 6.62
CA PRO A 254 -36.45 6.77 6.30
C PRO A 254 -35.76 8.11 6.16
N ARG A 255 -34.81 8.37 7.05
CA ARG A 255 -34.10 9.65 6.99
C ARG A 255 -33.15 9.85 5.78
N ILE A 256 -32.36 8.85 5.44
CA ILE A 256 -31.45 9.04 4.34
C ILE A 256 -32.24 9.01 3.04
N SER A 257 -33.26 8.15 2.98
CA SER A 257 -34.08 8.12 1.77
C SER A 257 -34.72 9.50 1.55
N ALA A 258 -35.18 10.15 2.61
CA ALA A 258 -35.72 11.49 2.46
C ALA A 258 -34.59 12.47 2.12
N LEU A 259 -33.43 12.29 2.75
CA LEU A 259 -32.28 13.16 2.50
C LEU A 259 -31.88 13.24 1.01
N LEU A 260 -31.64 12.08 0.40
CA LEU A 260 -31.24 12.09 -0.98
C LEU A 260 -32.34 12.68 -1.86
N ALA A 261 -33.56 12.18 -1.70
CA ALA A 261 -34.68 12.65 -2.49
C ALA A 261 -34.71 14.16 -2.50
N ASP A 262 -34.60 14.77 -1.31
CA ASP A 262 -34.60 16.24 -1.19
C ASP A 262 -33.39 16.85 -1.91
N ILE A 263 -32.22 16.29 -1.62
CA ILE A 263 -31.02 16.80 -2.24
C ILE A 263 -31.14 16.76 -3.76
N ALA A 264 -31.64 15.65 -4.31
CA ALA A 264 -31.72 15.54 -5.78
C ALA A 264 -32.52 16.63 -6.47
N LYS A 265 -33.56 17.11 -5.80
CA LYS A 265 -34.36 18.19 -6.39
C LYS A 265 -33.58 19.48 -6.19
N ARG A 266 -32.53 19.39 -5.37
CA ARG A 266 -31.63 20.48 -5.01
C ARG A 266 -31.95 21.28 -3.71
N PRO B 1 -5.62 -28.63 -8.51
CA PRO B 1 -5.41 -27.44 -9.40
C PRO B 1 -4.48 -26.42 -8.74
N PRO B 2 -3.76 -25.61 -9.55
CA PRO B 2 -2.83 -24.60 -9.02
C PRO B 2 -3.46 -23.46 -8.23
N LEU B 3 -2.97 -23.32 -7.00
CA LEU B 3 -3.41 -22.28 -6.06
C LEU B 3 -3.39 -20.89 -6.71
N ASP B 4 -2.45 -20.67 -7.63
CA ASP B 4 -2.25 -19.43 -8.42
C ASP B 4 -3.46 -19.08 -9.30
N ASP B 5 -4.11 -20.14 -9.78
CA ASP B 5 -5.25 -19.99 -10.67
C ASP B 5 -6.46 -19.46 -9.92
N PRO B 6 -6.84 -18.18 -10.18
CA PRO B 6 -7.97 -17.51 -9.54
C PRO B 6 -9.30 -18.28 -9.47
N ALA B 7 -9.51 -19.22 -10.39
CA ALA B 7 -10.73 -20.03 -10.38
C ALA B 7 -10.63 -21.05 -9.21
N THR B 8 -9.40 -21.42 -8.87
CA THR B 8 -9.13 -22.37 -7.81
C THR B 8 -9.62 -21.90 -6.46
N ASP B 9 -10.20 -22.82 -5.69
CA ASP B 9 -10.70 -22.50 -4.36
C ASP B 9 -9.53 -22.83 -3.42
N PRO B 10 -8.95 -21.81 -2.77
CA PRO B 10 -7.81 -21.99 -1.86
C PRO B 10 -8.07 -22.95 -0.74
N PHE B 11 -9.29 -22.98 -0.22
CA PHE B 11 -9.55 -23.92 0.89
C PHE B 11 -9.67 -25.36 0.46
N LEU B 12 -9.97 -25.56 -0.82
CA LEU B 12 -10.14 -26.88 -1.39
C LEU B 12 -8.72 -27.46 -1.48
N VAL B 13 -7.74 -26.61 -1.78
CA VAL B 13 -6.36 -27.08 -1.86
C VAL B 13 -5.83 -27.29 -0.42
N ALA B 14 -6.29 -26.48 0.54
CA ALA B 14 -5.84 -26.68 1.92
C ALA B 14 -6.41 -28.00 2.39
N ARG B 15 -7.62 -28.29 1.91
CA ARG B 15 -8.33 -29.53 2.22
C ARG B 15 -7.48 -30.71 1.81
N ALA B 16 -7.08 -30.70 0.54
CA ALA B 16 -6.23 -31.77 -0.01
C ALA B 16 -4.86 -31.80 0.68
N ALA B 17 -4.42 -30.67 1.16
CA ALA B 17 -3.13 -30.61 1.86
C ALA B 17 -3.33 -31.43 3.13
N ALA B 18 -4.29 -30.99 3.95
CA ALA B 18 -4.62 -31.64 5.21
C ALA B 18 -4.80 -33.16 5.10
N ASP B 19 -5.50 -33.60 4.05
CA ASP B 19 -5.77 -35.03 3.82
C ASP B 19 -4.50 -35.82 3.46
N HIS B 20 -3.54 -35.15 2.83
CA HIS B 20 -2.26 -35.76 2.46
C HIS B 20 -1.43 -35.93 3.74
N ILE B 21 -1.34 -34.84 4.50
CA ILE B 21 -0.60 -34.79 5.76
C ILE B 21 -1.09 -35.88 6.69
N ALA B 22 -2.41 -36.11 6.70
CA ALA B 22 -2.95 -37.14 7.59
C ALA B 22 -2.55 -38.54 7.08
N GLN B 23 -2.59 -38.75 5.77
CA GLN B 23 -2.22 -40.03 5.22
C GLN B 23 -0.72 -40.31 5.36
N ALA B 24 0.08 -39.28 5.10
CA ALA B 24 1.54 -39.40 5.17
C ALA B 24 2.06 -39.44 6.59
N THR B 25 1.25 -38.96 7.54
CA THR B 25 1.67 -38.94 8.94
C THR B 25 0.99 -39.96 9.85
N GLY B 26 -0.15 -40.50 9.43
CA GLY B 26 -0.82 -41.48 10.26
C GLY B 26 -1.47 -40.74 11.41
N VAL B 27 -1.53 -39.43 11.34
CA VAL B 27 -2.16 -38.66 12.39
C VAL B 27 -3.37 -38.02 11.73
N GLU B 28 -4.55 -38.51 12.11
CA GLU B 28 -5.83 -38.07 11.55
C GLU B 28 -6.09 -36.59 11.67
N GLY B 29 -5.72 -36.01 12.82
CA GLY B 29 -5.93 -34.59 12.99
C GLY B 29 -4.87 -34.03 13.92
N HIS B 30 -4.54 -32.76 13.76
CA HIS B 30 -3.59 -32.14 14.64
C HIS B 30 -4.29 -31.16 15.58
N ASP B 31 -3.63 -30.77 16.67
CA ASP B 31 -4.29 -29.89 17.59
C ASP B 31 -3.77 -28.46 17.57
N MET B 32 -2.51 -28.30 17.18
CA MET B 32 -1.89 -26.97 17.12
C MET B 32 -0.88 -26.96 15.97
N ALA B 33 -0.57 -25.78 15.45
CA ALA B 33 0.43 -25.65 14.38
C ALA B 33 1.36 -24.49 14.71
N LEU B 34 2.63 -24.65 14.34
CA LEU B 34 3.62 -23.61 14.59
C LEU B 34 4.31 -23.15 13.33
N VAL B 35 4.42 -21.84 13.21
CA VAL B 35 5.12 -21.25 12.08
C VAL B 35 6.41 -20.67 12.67
N LEU B 36 7.51 -21.41 12.52
CA LEU B 36 8.82 -20.97 13.04
C LEU B 36 9.42 -19.97 12.07
N GLY B 37 9.59 -18.72 12.52
CA GLY B 37 10.15 -17.66 11.69
C GLY B 37 11.64 -17.40 11.90
N SER B 38 12.13 -16.33 11.27
CA SER B 38 13.56 -16.00 11.39
C SER B 38 14.08 -16.04 12.82
N GLY B 39 14.95 -17.01 13.09
CA GLY B 39 15.55 -17.11 14.42
C GLY B 39 15.04 -18.27 15.26
N TRP B 40 13.86 -18.79 14.94
CA TRP B 40 13.29 -19.89 15.74
C TRP B 40 13.59 -21.27 15.11
N GLY B 41 14.32 -21.27 13.98
CA GLY B 41 14.66 -22.50 13.27
C GLY B 41 14.92 -23.80 14.03
N GLY B 42 15.27 -23.68 15.31
CA GLY B 42 15.54 -24.86 16.13
C GLY B 42 14.65 -24.82 17.34
N ALA B 43 13.71 -23.90 17.27
CA ALA B 43 12.75 -23.65 18.35
C ALA B 43 11.76 -24.78 18.62
N ALA B 44 11.77 -25.80 17.77
CA ALA B 44 10.83 -26.91 17.90
C ALA B 44 11.49 -28.22 18.24
N GLU B 45 12.79 -28.15 18.51
CA GLU B 45 13.55 -29.37 18.82
C GLU B 45 13.18 -29.94 20.18
N LEU B 46 12.65 -29.10 21.06
CA LEU B 46 12.28 -29.59 22.37
C LEU B 46 10.76 -29.68 22.49
N LEU B 47 10.07 -29.69 21.36
CA LEU B 47 8.62 -29.73 21.33
C LEU B 47 8.16 -31.11 21.74
N GLY B 48 8.88 -32.13 21.29
CA GLY B 48 8.53 -33.49 21.65
C GLY B 48 9.09 -34.48 20.66
N GLU B 49 8.59 -35.71 20.72
CA GLU B 49 9.01 -36.81 19.84
C GLU B 49 8.47 -36.66 18.41
N VAL B 50 9.36 -36.51 17.42
CA VAL B 50 8.88 -36.40 16.03
C VAL B 50 8.17 -37.68 15.65
N VAL B 51 6.93 -37.56 15.17
CA VAL B 51 6.14 -38.72 14.75
C VAL B 51 6.25 -38.99 13.28
N ALA B 52 6.30 -37.92 12.47
CA ALA B 52 6.46 -38.04 11.01
C ALA B 52 7.05 -36.79 10.36
N GLU B 53 7.76 -36.99 9.26
CA GLU B 53 8.35 -35.87 8.51
C GLU B 53 7.88 -35.98 7.07
N VAL B 54 7.29 -34.93 6.52
CA VAL B 54 6.79 -34.96 5.15
C VAL B 54 7.47 -34.01 4.18
N PRO B 55 8.16 -34.54 3.17
CA PRO B 55 8.78 -33.57 2.27
C PRO B 55 7.69 -32.54 1.84
N THR B 56 7.83 -31.34 2.38
CA THR B 56 6.91 -30.26 2.12
C THR B 56 6.53 -30.04 0.67
N HIS B 57 7.46 -30.20 -0.28
CA HIS B 57 7.11 -29.94 -1.68
C HIS B 57 6.18 -31.01 -2.20
N GLU B 58 6.01 -32.05 -1.41
CA GLU B 58 5.13 -33.14 -1.80
C GLU B 58 3.66 -32.95 -1.41
N ILE B 59 3.39 -31.94 -0.59
CA ILE B 59 2.04 -31.65 -0.11
C ILE B 59 1.30 -30.71 -1.07
N PRO B 60 0.05 -31.04 -1.40
CA PRO B 60 -0.76 -30.21 -2.30
C PRO B 60 -0.66 -28.73 -1.93
N GLY B 61 -0.58 -27.89 -2.95
CA GLY B 61 -0.48 -26.45 -2.73
C GLY B 61 0.92 -25.96 -2.45
N PHE B 62 1.76 -26.79 -1.88
CA PHE B 62 3.10 -26.31 -1.64
C PHE B 62 4.05 -26.28 -2.85
N SER B 63 5.30 -25.93 -2.50
CA SER B 63 6.44 -25.73 -3.39
C SER B 63 6.65 -24.18 -3.35
N SER B 64 10.76 -27.08 3.73
CA SER B 64 11.31 -28.26 2.98
C SER B 64 10.82 -29.57 3.58
N VAL B 65 10.71 -29.60 4.91
CA VAL B 65 10.15 -30.79 5.58
C VAL B 65 9.14 -30.34 6.65
N THR B 66 7.93 -30.88 6.59
CA THR B 66 6.91 -30.51 7.57
C THR B 66 6.88 -31.59 8.61
N ARG B 67 6.91 -31.22 9.87
CA ARG B 67 6.94 -32.22 10.92
C ARG B 67 5.67 -32.30 11.77
N SER B 68 5.39 -33.54 12.19
CA SER B 68 4.27 -33.92 13.04
C SER B 68 4.92 -34.39 14.36
N ILE B 69 4.65 -33.68 15.45
CA ILE B 69 5.26 -33.96 16.76
C ILE B 69 4.29 -34.25 17.92
N ARG B 70 4.52 -35.33 18.65
CA ARG B 70 3.73 -35.71 19.82
C ARG B 70 4.19 -34.79 20.94
N VAL B 71 3.32 -33.90 21.41
CA VAL B 71 3.65 -33.03 22.52
C VAL B 71 3.09 -33.73 23.74
N GLU B 72 3.92 -33.91 24.77
CA GLU B 72 3.45 -34.60 25.95
C GLU B 72 3.21 -33.64 27.09
N ARG B 73 1.97 -33.55 27.56
CA ARG B 73 1.67 -32.62 28.64
C ARG B 73 2.00 -33.26 29.96
N ALA B 74 2.09 -32.43 31.00
CA ALA B 74 2.43 -32.93 32.33
C ALA B 74 1.46 -34.00 32.86
N ASP B 75 0.16 -33.88 32.62
CA ASP B 75 -0.72 -34.92 33.12
C ASP B 75 -0.57 -36.21 32.28
N GLY B 76 0.38 -36.23 31.33
CA GLY B 76 0.58 -37.40 30.49
C GLY B 76 -0.14 -37.41 29.13
N SER B 77 -1.21 -36.61 29.00
CA SER B 77 -2.00 -36.53 27.78
C SER B 77 -1.17 -36.03 26.63
N VAL B 78 -1.62 -36.27 25.40
CA VAL B 78 -0.91 -35.85 24.20
C VAL B 78 -1.66 -34.96 23.22
N ARG B 79 -0.90 -34.07 22.60
CA ARG B 79 -1.44 -33.17 21.59
C ARG B 79 -0.57 -33.44 20.38
N HIS B 80 -1.03 -33.05 19.20
CA HIS B 80 -0.24 -33.24 18.02
C HIS B 80 0.01 -31.89 17.40
N ALA B 81 1.31 -31.57 17.28
CA ALA B 81 1.73 -30.30 16.75
C ALA B 81 2.19 -30.53 15.31
N LEU B 82 1.73 -29.65 14.45
CA LEU B 82 2.04 -29.69 13.05
C LEU B 82 3.06 -28.56 12.89
N VAL B 83 4.30 -28.89 12.55
CA VAL B 83 5.27 -27.81 12.35
C VAL B 83 5.42 -27.61 10.86
N LEU B 84 4.92 -26.48 10.38
CA LEU B 84 4.97 -26.18 8.94
C LEU B 84 6.43 -26.09 8.50
N GLY B 85 6.74 -26.77 7.40
CA GLY B 85 8.09 -26.78 6.89
C GLY B 85 8.60 -25.49 6.27
N SER B 86 7.95 -25.00 5.25
CA SER B 86 8.43 -23.79 4.63
C SER B 86 7.73 -22.55 5.11
N ARG B 87 7.85 -21.46 4.37
CA ARG B 87 7.20 -20.23 4.73
C ARG B 87 7.32 -19.47 3.42
N THR B 88 6.23 -18.86 2.98
CA THR B 88 6.29 -18.07 1.76
C THR B 88 5.94 -16.63 2.10
N HIS B 89 6.78 -15.70 1.65
CA HIS B 89 6.56 -14.30 1.95
C HIS B 89 5.77 -13.56 0.87
N LEU B 90 5.17 -12.47 1.29
CA LEU B 90 4.41 -11.63 0.40
C LEU B 90 5.39 -11.12 -0.68
N TYR B 91 6.62 -10.81 -0.27
CA TYR B 91 7.58 -10.24 -1.22
C TYR B 91 8.02 -11.16 -2.35
N GLU B 92 7.83 -12.47 -2.19
CA GLU B 92 8.20 -13.41 -3.22
C GLU B 92 7.34 -13.32 -4.50
N GLY B 93 6.30 -12.50 -4.44
CA GLY B 93 5.42 -12.37 -5.60
C GLY B 93 4.54 -13.58 -5.89
N LYS B 94 4.62 -14.61 -5.06
CA LYS B 94 3.81 -15.80 -5.30
C LYS B 94 2.31 -15.72 -4.98
N GLY B 95 1.80 -14.54 -4.63
CA GLY B 95 0.39 -14.41 -4.29
C GLY B 95 0.12 -14.51 -2.77
N VAL B 96 -0.96 -13.91 -2.30
CA VAL B 96 -1.28 -13.94 -0.89
C VAL B 96 -1.75 -15.35 -0.52
N ARG B 97 -2.30 -16.05 -1.48
CA ARG B 97 -2.75 -17.40 -1.17
C ARG B 97 -1.60 -18.26 -0.71
N ALA B 98 -0.44 -18.11 -1.36
CA ALA B 98 0.76 -18.90 -1.05
C ALA B 98 1.33 -18.49 0.30
N VAL B 99 1.04 -17.27 0.72
CA VAL B 99 1.56 -16.78 1.98
C VAL B 99 0.80 -17.39 3.14
N VAL B 100 -0.48 -17.67 2.91
CA VAL B 100 -1.33 -18.17 3.99
C VAL B 100 -1.76 -19.62 3.87
N HIS B 101 -1.17 -20.32 2.90
CA HIS B 101 -1.49 -21.73 2.62
C HIS B 101 -1.15 -22.61 3.78
N GLY B 102 -0.09 -22.25 4.50
CA GLY B 102 0.30 -23.06 5.64
C GLY B 102 -0.78 -22.95 6.68
N VAL B 103 -1.19 -21.73 6.95
CA VAL B 103 -2.24 -21.53 7.92
C VAL B 103 -3.55 -22.30 7.62
N ARG B 104 -4.06 -22.19 6.40
CA ARG B 104 -5.30 -22.83 6.01
C ARG B 104 -5.16 -24.32 6.00
N THR B 105 -3.93 -24.81 5.85
CA THR B 105 -3.73 -26.26 5.88
C THR B 105 -3.73 -26.61 7.36
N ALA B 106 -3.15 -25.73 8.16
CA ALA B 106 -3.09 -26.04 9.58
C ALA B 106 -4.50 -26.33 10.01
N ALA B 107 -5.39 -25.39 9.63
CA ALA B 107 -6.81 -25.40 9.94
C ALA B 107 -7.50 -26.68 9.57
N ALA B 108 -7.43 -27.00 8.29
CA ALA B 108 -8.07 -28.18 7.76
C ALA B 108 -7.66 -29.46 8.50
N THR B 109 -6.54 -29.42 9.22
CA THR B 109 -6.10 -30.63 9.91
C THR B 109 -6.78 -30.62 11.24
N GLY B 110 -7.44 -29.50 11.51
CA GLY B 110 -8.18 -29.41 12.76
C GLY B 110 -7.39 -28.84 13.91
N ALA B 111 -6.30 -28.15 13.59
CA ALA B 111 -5.45 -27.59 14.63
C ALA B 111 -6.02 -26.26 15.02
N GLU B 112 -6.83 -26.22 16.09
CA GLU B 112 -7.44 -24.97 16.48
C GLU B 112 -6.48 -23.90 16.99
N THR B 113 -5.31 -24.32 17.48
CA THR B 113 -4.30 -23.36 17.99
C THR B 113 -3.17 -23.06 16.99
N LEU B 114 -2.85 -21.78 16.80
CA LEU B 114 -1.79 -21.37 15.87
C LEU B 114 -0.73 -20.57 16.57
N ILE B 115 0.54 -20.95 16.40
CA ILE B 115 1.67 -20.19 16.96
C ILE B 115 2.49 -19.60 15.78
N LEU B 116 2.43 -18.28 15.67
CA LEU B 116 3.13 -17.54 14.66
C LEU B 116 4.30 -16.84 15.32
N THR B 117 5.52 -17.15 14.87
CA THR B 117 6.73 -16.49 15.38
C THR B 117 7.42 -15.75 14.19
N ASN B 118 8.22 -14.75 14.49
CA ASN B 118 8.93 -14.01 13.44
C ASN B 118 10.08 -13.22 14.07
N GLY B 119 10.98 -12.72 13.21
CA GLY B 119 12.11 -11.94 13.66
C GLY B 119 11.74 -10.55 13.22
N CYS B 120 12.17 -9.50 13.93
CA CYS B 120 11.76 -8.19 13.53
C CYS B 120 12.66 -7.19 14.21
N GLY B 121 12.41 -5.91 13.93
CA GLY B 121 13.18 -4.84 14.54
C GLY B 121 12.33 -4.21 15.63
N GLY B 122 12.97 -3.81 16.73
CA GLY B 122 12.23 -3.23 17.84
C GLY B 122 12.40 -1.73 17.95
N LEU B 123 11.32 -1.04 18.36
CA LEU B 123 11.30 0.42 18.51
C LEU B 123 11.41 0.90 19.96
N ASN B 124 11.36 -0.07 20.89
CA ASN B 124 11.46 0.20 22.32
C ASN B 124 12.93 -0.11 22.70
N GLN B 125 13.70 0.87 23.16
CA GLN B 125 15.13 0.59 23.49
C GLN B 125 15.36 -0.39 24.64
N GLU B 126 14.26 -0.66 25.32
CA GLU B 126 14.19 -1.52 26.47
C GLU B 126 14.29 -3.01 26.02
N TRP B 127 14.00 -3.30 24.74
CA TRP B 127 14.08 -4.67 24.26
C TRP B 127 15.17 -4.82 23.23
N GLY B 128 16.32 -5.33 23.64
CA GLY B 128 17.42 -5.48 22.70
C GLY B 128 17.41 -6.76 21.89
N ALA B 129 18.37 -6.86 20.97
CA ALA B 129 18.49 -8.03 20.10
C ALA B 129 18.36 -9.22 20.99
N GLY B 130 17.56 -10.22 20.60
CA GLY B 130 17.40 -11.40 21.44
C GLY B 130 16.12 -11.47 22.25
N THR B 131 15.46 -10.32 22.44
CA THR B 131 14.21 -10.29 23.21
C THR B 131 12.92 -10.78 22.55
N PRO B 132 12.27 -11.78 23.15
CA PRO B 132 11.02 -12.25 22.54
C PRO B 132 9.88 -11.35 23.09
N VAL B 133 8.97 -10.94 22.21
CA VAL B 133 7.88 -10.08 22.60
C VAL B 133 6.58 -10.67 22.12
N LEU B 134 5.57 -10.68 23.00
CA LEU B 134 4.26 -11.23 22.63
C LEU B 134 3.51 -10.15 21.86
N LEU B 135 2.82 -10.56 20.79
CA LEU B 135 2.03 -9.61 19.97
C LEU B 135 0.70 -9.42 20.66
N SER B 136 0.35 -8.16 20.92
CA SER B 136 -0.89 -7.82 21.57
C SER B 136 -1.89 -7.37 20.51
N ASP B 137 -1.34 -6.92 19.37
CA ASP B 137 -2.14 -6.47 18.22
C ASP B 137 -1.24 -6.28 16.97
N HIS B 138 -1.81 -5.80 15.86
CA HIS B 138 -0.95 -5.54 14.73
C HIS B 138 -1.43 -4.42 13.79
N ILE B 139 -0.56 -4.01 12.89
CA ILE B 139 -0.85 -2.99 11.92
C ILE B 139 -0.33 -3.52 10.59
N ASN B 140 -1.25 -3.97 9.76
CA ASN B 140 -0.96 -4.51 8.43
C ASN B 140 -0.73 -3.37 7.46
N LEU B 141 0.53 -3.06 7.17
CA LEU B 141 0.83 -1.97 6.26
C LEU B 141 1.10 -2.47 4.84
N THR B 142 0.64 -3.68 4.50
CA THR B 142 0.87 -4.17 3.16
C THR B 142 -0.15 -3.75 2.08
N ALA B 143 -1.26 -3.12 2.48
CA ALA B 143 -2.31 -2.73 1.53
C ALA B 143 -2.87 -4.03 0.91
N ARG B 144 -2.52 -5.18 1.52
CA ARG B 144 -3.01 -6.47 1.06
C ARG B 144 -3.86 -7.16 2.16
N SER B 145 -4.66 -8.13 1.76
CA SER B 145 -5.46 -8.90 2.69
C SER B 145 -5.48 -10.27 2.11
N PRO B 146 -5.46 -11.31 2.95
CA PRO B 146 -5.49 -12.66 2.40
C PRO B 146 -6.93 -13.14 2.07
N LEU B 147 -7.92 -12.30 2.38
CA LEU B 147 -9.32 -12.65 2.14
C LEU B 147 -9.85 -12.09 0.80
N GLU B 148 -10.48 -12.96 0.01
CA GLU B 148 -11.06 -12.59 -1.28
C GLU B 148 -12.60 -12.48 -1.14
N GLY B 149 -13.22 -11.38 -1.52
CA GLY B 149 -14.67 -11.38 -1.42
C GLY B 149 -15.26 -10.74 -0.20
N PRO B 150 -16.59 -10.62 -0.12
CA PRO B 150 -17.25 -10.01 1.02
C PRO B 150 -17.05 -10.88 2.25
N THR B 151 -15.79 -11.05 2.63
CA THR B 151 -15.43 -11.84 3.77
C THR B 151 -15.15 -10.90 4.93
N PHE B 152 -16.20 -10.25 5.44
CA PHE B 152 -16.05 -9.29 6.54
C PHE B 152 -15.77 -9.92 7.90
N VAL B 153 -14.48 -10.15 8.12
CA VAL B 153 -13.97 -10.77 9.35
C VAL B 153 -13.63 -9.72 10.37
N ASP B 154 -13.94 -10.01 11.63
CA ASP B 154 -13.66 -9.09 12.71
C ASP B 154 -12.29 -9.42 13.32
N LEU B 155 -11.50 -8.37 13.56
CA LEU B 155 -10.13 -8.49 14.14
C LEU B 155 -9.98 -7.68 15.44
N THR B 156 -10.95 -7.81 16.34
CA THR B 156 -10.90 -7.08 17.58
C THR B 156 -9.96 -7.78 18.55
N ASP B 157 -9.75 -9.07 18.35
CA ASP B 157 -8.83 -9.82 19.22
C ASP B 157 -8.14 -10.88 18.41
N VAL B 158 -7.31 -10.46 17.46
CA VAL B 158 -6.61 -11.41 16.60
C VAL B 158 -5.74 -12.25 17.51
N TYR B 159 -5.10 -11.61 18.48
CA TYR B 159 -4.20 -12.33 19.39
C TYR B 159 -4.84 -12.59 20.75
N SER B 160 -5.39 -13.77 20.84
CA SER B 160 -6.05 -14.33 22.02
C SER B 160 -5.45 -14.00 23.38
N PRO B 161 -6.25 -13.39 24.26
CA PRO B 161 -5.71 -13.08 25.59
C PRO B 161 -5.41 -14.37 26.32
N ARG B 162 -6.24 -15.37 26.06
CA ARG B 162 -6.09 -16.68 26.66
C ARG B 162 -4.65 -17.23 26.47
N LEU B 163 -4.14 -17.18 25.24
CA LEU B 163 -2.81 -17.70 24.87
C LEU B 163 -1.64 -16.91 25.44
N ARG B 164 -1.77 -15.58 25.49
CA ARG B 164 -0.70 -14.76 26.05
C ARG B 164 -0.65 -15.01 27.54
N GLU B 165 -1.79 -15.35 28.15
CA GLU B 165 -1.83 -15.62 29.60
C GLU B 165 -1.02 -16.88 29.80
N LEU B 166 -1.25 -17.86 28.93
CA LEU B 166 -0.51 -19.11 29.03
C LEU B 166 0.98 -18.88 28.73
N ALA B 167 1.31 -17.87 27.92
CA ALA B 167 2.72 -17.61 27.63
C ALA B 167 3.34 -16.99 28.88
N HIS B 168 2.58 -16.12 29.54
CA HIS B 168 3.03 -15.45 30.75
C HIS B 168 3.08 -16.37 31.98
N ARG B 169 2.70 -17.65 31.81
CA ARG B 169 2.78 -18.58 32.92
C ARG B 169 4.13 -19.17 32.77
N VAL B 170 4.50 -19.38 31.51
CA VAL B 170 5.80 -19.93 31.22
C VAL B 170 6.90 -18.92 31.45
N ASP B 171 6.58 -17.64 31.30
CA ASP B 171 7.55 -16.58 31.53
C ASP B 171 6.82 -15.26 31.75
N PRO B 172 6.48 -14.97 32.98
CA PRO B 172 5.77 -13.73 33.27
C PRO B 172 6.48 -12.45 32.86
N THR B 173 7.74 -12.54 32.44
CA THR B 173 8.50 -11.33 32.03
C THR B 173 8.36 -10.90 30.56
N LEU B 174 7.82 -11.77 29.70
CA LEU B 174 7.68 -11.45 28.27
C LEU B 174 6.86 -10.19 28.05
N PRO B 175 7.47 -9.18 27.44
CA PRO B 175 6.71 -7.95 27.22
C PRO B 175 5.70 -8.13 26.04
N GLU B 176 4.88 -7.12 25.79
CA GLU B 176 3.91 -7.22 24.71
C GLU B 176 4.04 -6.01 23.80
N GLY B 177 3.78 -6.23 22.52
CA GLY B 177 3.84 -5.10 21.62
C GLY B 177 2.89 -5.22 20.42
N VAL B 178 2.74 -4.07 19.74
CA VAL B 178 1.94 -3.96 18.54
C VAL B 178 2.93 -4.13 17.37
N TYR B 179 2.72 -5.20 16.60
CA TYR B 179 3.57 -5.51 15.46
C TYR B 179 3.01 -4.95 14.15
N ALA B 180 3.85 -4.28 13.38
CA ALA B 180 3.47 -3.70 12.10
C ALA B 180 4.20 -4.43 10.98
N GLN B 181 3.45 -4.78 9.92
CA GLN B 181 4.02 -5.50 8.78
C GLN B 181 4.19 -4.60 7.53
N PHE B 182 5.40 -4.58 6.97
CA PHE B 182 5.67 -3.81 5.78
C PHE B 182 5.82 -4.87 4.73
N PRO B 183 5.61 -4.51 3.46
CA PRO B 183 5.76 -5.51 2.41
C PRO B 183 7.16 -6.09 2.35
N GLY B 184 8.19 -5.29 2.66
CA GLY B 184 9.54 -5.82 2.55
C GLY B 184 9.86 -6.07 1.05
N PRO B 185 10.98 -6.76 0.70
CA PRO B 185 11.99 -7.35 1.57
C PRO B 185 13.02 -6.37 2.08
N HIS B 186 13.00 -5.15 1.60
CA HIS B 186 13.98 -4.21 2.09
C HIS B 186 13.60 -3.82 3.51
N TYR B 187 14.54 -3.21 4.23
CA TYR B 187 14.33 -2.75 5.61
C TYR B 187 13.92 -1.30 5.65
N GLU B 188 13.48 -0.83 6.81
CA GLU B 188 12.99 0.52 6.96
C GLU B 188 14.04 1.59 7.21
N THR B 189 13.79 2.75 6.64
CA THR B 189 14.68 3.88 6.81
C THR B 189 14.42 4.45 8.21
N PRO B 190 15.35 5.23 8.73
CA PRO B 190 15.03 5.75 10.06
C PRO B 190 13.75 6.58 10.03
N ALA B 191 13.49 7.31 8.95
CA ALA B 191 12.26 8.09 8.92
C ALA B 191 11.04 7.17 8.90
N GLU B 192 11.18 6.00 8.27
CA GLU B 192 10.08 5.03 8.20
C GLU B 192 9.87 4.38 9.57
N VAL B 193 10.95 4.22 10.31
CA VAL B 193 10.81 3.62 11.61
C VAL B 193 10.13 4.61 12.55
N ARG B 194 10.40 5.89 12.36
CA ARG B 194 9.80 6.88 13.24
C ARG B 194 8.31 6.86 12.96
N MET B 195 8.00 6.64 11.68
CA MET B 195 6.64 6.58 11.16
C MET B 195 5.93 5.42 11.83
N ALA B 196 6.52 4.24 11.72
CA ALA B 196 5.93 3.05 12.32
C ALA B 196 5.55 3.38 13.73
N GLY B 197 6.44 4.11 14.41
CA GLY B 197 6.21 4.44 15.79
C GLY B 197 5.08 5.41 16.00
N ILE B 198 5.02 6.44 15.15
CA ILE B 198 3.98 7.45 15.24
C ILE B 198 2.64 6.80 15.03
N LEU B 199 2.62 5.81 14.16
CA LEU B 199 1.39 5.11 13.85
C LEU B 199 1.00 4.16 14.95
N GLY B 200 1.87 4.00 15.95
CA GLY B 200 1.57 3.11 17.06
C GLY B 200 2.19 1.72 17.16
N ALA B 201 3.16 1.39 16.32
CA ALA B 201 3.76 0.05 16.42
C ALA B 201 4.97 0.07 17.37
N ASP B 202 5.29 -1.08 17.96
CA ASP B 202 6.45 -1.20 18.84
C ASP B 202 7.44 -2.14 18.13
N LEU B 203 6.99 -2.76 17.04
CA LEU B 203 7.80 -3.74 16.28
C LEU B 203 7.51 -3.61 14.78
N VAL B 204 8.47 -4.00 13.93
CA VAL B 204 8.33 -3.92 12.47
C VAL B 204 9.00 -5.17 11.92
N GLY B 205 8.35 -5.77 10.92
CA GLY B 205 8.85 -6.98 10.30
C GLY B 205 8.19 -7.13 8.95
N MET B 206 8.29 -8.31 8.32
CA MET B 206 7.64 -8.47 7.00
C MET B 206 6.79 -9.71 6.84
N SER B 207 6.17 -10.14 7.92
CA SER B 207 5.30 -11.32 7.83
C SER B 207 4.21 -11.28 8.93
N THR B 208 3.62 -12.45 9.19
CA THR B 208 2.62 -12.62 10.26
C THR B 208 1.17 -12.03 10.21
N THR B 209 0.97 -10.74 9.89
CA THR B 209 -0.40 -10.23 9.96
C THR B 209 -1.33 -10.85 8.94
N LEU B 210 -0.85 -11.02 7.70
CA LEU B 210 -1.69 -11.66 6.70
C LEU B 210 -2.02 -13.05 7.25
N GLU B 211 -0.98 -13.76 7.68
CA GLU B 211 -1.18 -15.08 8.26
C GLU B 211 -2.18 -15.03 9.40
N ALA B 212 -2.07 -14.04 10.27
CA ALA B 212 -3.01 -13.90 11.39
C ALA B 212 -4.48 -13.66 10.95
N ILE B 213 -4.69 -12.80 9.96
CA ILE B 213 -6.05 -12.51 9.51
C ILE B 213 -6.58 -13.78 8.90
N ALA B 214 -5.72 -14.50 8.21
CA ALA B 214 -6.17 -15.71 7.58
C ALA B 214 -6.61 -16.70 8.62
N ALA B 215 -5.81 -16.85 9.66
CA ALA B 215 -6.12 -17.80 10.68
C ALA B 215 -7.46 -17.44 11.40
N ARG B 216 -7.63 -16.16 11.74
CA ARG B 216 -8.85 -15.79 12.44
C ARG B 216 -10.02 -16.10 11.55
N HIS B 217 -9.85 -15.89 10.26
CA HIS B 217 -10.92 -16.21 9.32
C HIS B 217 -11.24 -17.70 9.44
N CYS B 218 -10.23 -18.53 9.72
CA CYS B 218 -10.47 -19.94 9.85
C CYS B 218 -10.90 -20.32 11.26
N GLY B 219 -11.06 -19.31 12.11
CA GLY B 219 -11.50 -19.55 13.48
C GLY B 219 -10.47 -20.11 14.44
N LEU B 220 -9.21 -19.82 14.18
CA LEU B 220 -8.12 -20.30 15.01
C LEU B 220 -7.83 -19.34 16.13
N GLU B 221 -7.27 -19.87 17.24
CA GLU B 221 -6.85 -19.06 18.40
C GLU B 221 -5.34 -18.87 18.10
N VAL B 222 -4.92 -17.62 17.96
CA VAL B 222 -3.55 -17.29 17.59
C VAL B 222 -2.60 -16.69 18.61
N LEU B 223 -1.43 -17.34 18.81
CA LEU B 223 -0.43 -16.78 19.71
C LEU B 223 0.61 -16.17 18.77
N GLY B 224 1.08 -14.95 19.07
CA GLY B 224 2.09 -14.33 18.22
C GLY B 224 3.35 -13.94 19.01
N VAL B 225 4.49 -14.52 18.65
CA VAL B 225 5.71 -14.18 19.35
C VAL B 225 6.83 -13.66 18.43
N SER B 226 7.21 -12.40 18.60
CA SER B 226 8.28 -11.80 17.84
C SER B 226 9.58 -12.00 18.64
N LEU B 227 10.68 -12.16 17.91
CA LEU B 227 12.00 -12.30 18.52
C LEU B 227 12.72 -11.08 17.94
N VAL B 228 12.84 -10.03 18.75
CA VAL B 228 13.52 -8.82 18.33
C VAL B 228 14.93 -9.13 17.89
N THR B 229 15.16 -9.02 16.59
CA THR B 229 16.43 -9.29 15.92
C THR B 229 17.43 -8.20 16.19
N ASN B 230 16.93 -7.01 16.49
CA ASN B 230 17.78 -5.88 16.79
C ASN B 230 16.98 -4.59 16.70
N LEU B 231 17.42 -3.51 17.34
CA LEU B 231 16.64 -2.25 17.28
C LEU B 231 16.55 -1.72 15.85
N ALA B 232 15.38 -1.22 15.48
CA ALA B 232 15.14 -0.69 14.13
C ALA B 232 16.14 0.42 13.77
N ALA B 233 16.29 0.68 12.47
CA ALA B 233 17.19 1.72 12.01
C ALA B 233 16.89 3.09 12.67
N GLY B 234 17.96 3.74 13.15
CA GLY B 234 17.82 5.05 13.77
C GLY B 234 17.33 5.07 15.21
N ILE B 235 16.97 3.93 15.79
CA ILE B 235 16.49 3.92 17.19
C ILE B 235 17.65 4.13 18.19
N SER B 236 18.60 3.23 18.18
CA SER B 236 19.74 3.38 19.08
C SER B 236 20.81 4.30 18.46
N PRO B 237 21.48 5.08 19.29
CA PRO B 237 22.53 5.99 18.81
C PRO B 237 23.77 5.14 18.44
N THR B 238 23.94 4.02 19.16
CA THR B 238 25.05 3.09 18.96
C THR B 238 24.57 1.77 18.38
N PRO B 239 24.28 1.75 17.08
CA PRO B 239 23.81 0.58 16.33
C PRO B 239 24.73 -0.62 16.47
N LEU B 240 24.16 -1.81 16.67
CA LEU B 240 24.95 -3.04 16.79
C LEU B 240 25.53 -3.38 15.42
N SER B 241 26.62 -4.15 15.38
CA SER B 241 27.22 -4.54 14.10
C SER B 241 26.42 -5.73 13.59
N HIS B 242 26.45 -5.92 12.28
CA HIS B 242 25.75 -7.03 11.69
C HIS B 242 26.20 -8.36 12.35
N ALA B 243 27.51 -8.51 12.63
CA ALA B 243 28.00 -9.71 13.28
C ALA B 243 27.42 -9.81 14.70
N GLU B 244 27.31 -8.66 15.39
CA GLU B 244 26.77 -8.58 16.75
C GLU B 244 25.29 -9.01 16.80
N VAL B 245 24.55 -8.63 15.75
CA VAL B 245 23.13 -8.95 15.60
C VAL B 245 22.97 -10.44 15.43
N ILE B 246 23.72 -11.01 14.48
CA ILE B 246 23.68 -12.44 14.24
C ILE B 246 24.12 -13.20 15.48
N GLU B 247 24.97 -12.55 16.26
CA GLU B 247 25.49 -13.21 17.42
C GLU B 247 24.45 -13.23 18.50
N ALA B 248 23.78 -12.09 18.72
CA ALA B 248 22.74 -11.96 19.74
C ALA B 248 21.54 -12.84 19.38
N GLY B 249 21.39 -13.09 18.06
CA GLY B 249 20.34 -13.94 17.54
C GLY B 249 20.56 -15.42 17.86
N GLN B 250 21.80 -15.90 17.71
CA GLN B 250 22.11 -17.30 18.02
C GLN B 250 21.97 -17.52 19.52
N ALA B 251 22.49 -16.59 20.32
CA ALA B 251 22.44 -16.72 21.79
C ALA B 251 21.04 -17.05 22.33
N ALA B 252 20.01 -16.44 21.71
CA ALA B 252 18.59 -16.63 22.08
C ALA B 252 18.00 -18.03 21.78
N GLY B 253 18.52 -18.68 20.73
CA GLY B 253 18.06 -19.98 20.34
C GLY B 253 17.61 -20.90 21.46
N PRO B 254 18.47 -21.20 22.44
CA PRO B 254 18.07 -22.10 23.54
C PRO B 254 16.91 -21.61 24.41
N ARG B 255 16.87 -20.30 24.70
CA ARG B 255 15.81 -19.74 25.54
C ARG B 255 14.46 -19.83 24.84
N ILE B 256 14.47 -19.29 23.64
CA ILE B 256 13.35 -19.21 22.73
C ILE B 256 12.77 -20.59 22.49
N SER B 257 13.64 -21.56 22.27
CA SER B 257 13.16 -22.91 21.99
C SER B 257 12.59 -23.51 23.23
N ALA B 258 13.14 -23.14 24.37
CA ALA B 258 12.63 -23.64 25.66
C ALA B 258 11.22 -23.04 25.83
N LEU B 259 11.09 -21.75 25.52
CA LEU B 259 9.82 -21.06 25.60
C LEU B 259 8.73 -21.83 24.81
N LEU B 260 8.88 -21.88 23.48
CA LEU B 260 7.87 -22.58 22.70
C LEU B 260 7.51 -23.96 23.23
N ALA B 261 8.50 -24.83 23.39
CA ALA B 261 8.19 -26.15 23.87
C ALA B 261 7.36 -26.13 25.15
N ASP B 262 7.59 -25.14 26.03
CA ASP B 262 6.85 -25.06 27.28
C ASP B 262 5.44 -24.57 27.07
N ILE B 263 5.30 -23.49 26.31
CA ILE B 263 3.98 -22.98 26.01
C ILE B 263 3.12 -24.06 25.35
N ALA B 264 3.70 -24.80 24.43
CA ALA B 264 3.01 -25.85 23.72
C ALA B 264 2.47 -26.98 24.56
N LYS B 265 2.97 -27.12 25.79
CA LYS B 265 2.46 -28.18 26.68
C LYS B 265 1.32 -27.49 27.42
N ARG B 266 1.39 -26.15 27.41
CA ARG B 266 0.46 -25.20 28.04
C ARG B 266 0.99 -24.54 29.35
N PRO C 1 15.88 -11.59 -22.69
CA PRO C 1 14.44 -11.93 -22.50
C PRO C 1 13.75 -10.66 -22.00
N PRO C 2 12.40 -10.63 -22.04
CA PRO C 2 11.68 -9.43 -21.56
C PRO C 2 11.71 -9.42 -20.03
N LEU C 3 11.94 -8.22 -19.50
CA LEU C 3 12.05 -7.91 -18.09
C LEU C 3 10.82 -8.27 -17.24
N ASP C 4 9.61 -8.06 -17.76
CA ASP C 4 8.40 -8.40 -17.00
C ASP C 4 8.10 -9.91 -16.97
N ASP C 5 9.01 -10.71 -17.51
CA ASP C 5 8.86 -12.18 -17.48
C ASP C 5 9.52 -12.59 -16.17
N PRO C 6 8.70 -12.87 -15.16
CA PRO C 6 9.22 -13.29 -13.85
C PRO C 6 10.43 -14.21 -13.82
N ALA C 7 10.59 -15.08 -14.81
CA ALA C 7 11.75 -15.95 -14.77
C ALA C 7 13.02 -15.19 -15.17
N THR C 8 12.83 -14.07 -15.86
CA THR C 8 13.94 -13.24 -16.32
C THR C 8 14.72 -12.65 -15.18
N ASP C 9 16.06 -12.68 -15.26
CA ASP C 9 16.92 -12.09 -14.20
C ASP C 9 17.03 -10.57 -14.46
N PRO C 10 16.34 -9.74 -13.67
CA PRO C 10 16.44 -8.30 -13.92
C PRO C 10 17.88 -7.80 -14.05
N PHE C 11 18.81 -8.44 -13.31
CA PHE C 11 20.22 -8.03 -13.36
C PHE C 11 20.95 -8.46 -14.64
N LEU C 12 20.54 -9.57 -15.23
CA LEU C 12 21.17 -10.04 -16.47
C LEU C 12 20.85 -8.97 -17.50
N VAL C 13 19.60 -8.53 -17.50
CA VAL C 13 19.14 -7.50 -18.41
C VAL C 13 19.82 -6.15 -18.17
N ALA C 14 20.34 -5.92 -16.96
CA ALA C 14 21.02 -4.65 -16.68
C ALA C 14 22.40 -4.80 -17.30
N ARG C 15 22.96 -5.97 -17.08
CA ARG C 15 24.27 -6.29 -17.62
C ARG C 15 24.21 -6.05 -19.13
N ALA C 16 23.28 -6.74 -19.82
CA ALA C 16 23.11 -6.58 -21.27
C ALA C 16 22.98 -5.11 -21.68
N ALA C 17 22.36 -4.32 -20.81
CA ALA C 17 22.17 -2.91 -21.07
C ALA C 17 23.49 -2.17 -20.93
N ALA C 18 24.24 -2.50 -19.88
CA ALA C 18 25.53 -1.88 -19.63
C ALA C 18 26.49 -2.14 -20.78
N ASP C 19 26.37 -3.34 -21.37
CA ASP C 19 27.26 -3.75 -22.48
C ASP C 19 26.92 -3.05 -23.75
N HIS C 20 25.64 -2.79 -23.97
CA HIS C 20 25.20 -2.11 -25.17
C HIS C 20 25.75 -0.71 -25.10
N ILE C 21 25.50 -0.08 -23.95
CA ILE C 21 25.97 1.26 -23.70
C ILE C 21 27.49 1.41 -23.90
N ALA C 22 28.26 0.46 -23.38
CA ALA C 22 29.71 0.53 -23.49
C ALA C 22 30.12 0.49 -24.96
N GLN C 23 29.51 -0.37 -25.77
CA GLN C 23 29.94 -0.36 -27.15
C GLN C 23 29.35 0.82 -27.89
N ALA C 24 28.09 1.13 -27.66
CA ALA C 24 27.50 2.26 -28.37
C ALA C 24 28.14 3.59 -28.03
N THR C 25 28.77 3.70 -26.85
CA THR C 25 29.39 4.96 -26.43
C THR C 25 30.92 4.98 -26.51
N GLY C 26 31.54 3.80 -26.52
CA GLY C 26 32.99 3.78 -26.56
C GLY C 26 33.57 3.91 -25.14
N VAL C 27 32.72 4.20 -24.15
CA VAL C 27 33.20 4.34 -22.78
C VAL C 27 33.06 2.98 -22.07
N GLU C 28 34.19 2.40 -21.66
CA GLU C 28 34.20 1.09 -21.00
C GLU C 28 33.48 1.04 -19.65
N GLY C 29 33.45 2.18 -18.96
CA GLY C 29 32.77 2.21 -17.67
C GLY C 29 32.33 3.61 -17.29
N HIS C 30 31.26 3.72 -16.51
CA HIS C 30 30.88 5.04 -16.11
C HIS C 30 31.20 5.23 -14.64
N ASP C 31 31.37 6.48 -14.21
CA ASP C 31 31.74 6.71 -12.84
C ASP C 31 30.56 7.14 -12.01
N MET C 32 29.67 7.90 -12.61
CA MET C 32 28.50 8.36 -11.90
C MET C 32 27.31 8.34 -12.87
N ALA C 33 26.09 8.46 -12.32
CA ALA C 33 24.89 8.46 -13.16
C ALA C 33 23.85 9.44 -12.61
N LEU C 34 23.13 10.11 -13.51
CA LEU C 34 22.10 11.06 -13.13
C LEU C 34 20.75 10.67 -13.71
N VAL C 35 19.70 10.88 -12.91
CA VAL C 35 18.32 10.64 -13.34
C VAL C 35 17.72 12.04 -13.35
N LEU C 36 17.28 12.53 -14.52
CA LEU C 36 16.72 13.89 -14.58
C LEU C 36 15.23 13.83 -14.41
N GLY C 37 14.71 14.39 -13.31
CA GLY C 37 13.28 14.37 -13.07
C GLY C 37 12.50 15.58 -13.58
N SER C 38 11.27 15.72 -13.08
CA SER C 38 10.40 16.84 -13.48
C SER C 38 11.00 18.19 -13.16
N GLY C 39 11.42 18.93 -14.20
CA GLY C 39 12.01 20.27 -14.01
C GLY C 39 13.55 20.30 -14.15
N TRP C 40 14.11 19.10 -14.30
CA TRP C 40 15.54 18.93 -14.43
C TRP C 40 15.92 18.64 -15.89
N GLY C 41 14.97 18.78 -16.80
CA GLY C 41 15.27 18.51 -18.20
C GLY C 41 16.58 19.05 -18.77
N GLY C 42 16.96 20.28 -18.43
CA GLY C 42 18.20 20.82 -18.98
C GLY C 42 19.25 20.96 -17.90
N ALA C 43 19.05 20.26 -16.79
CA ALA C 43 19.97 20.31 -15.65
C ALA C 43 21.31 19.61 -15.89
N ALA C 44 21.49 18.97 -17.04
CA ALA C 44 22.76 18.30 -17.33
C ALA C 44 23.48 18.98 -18.50
N GLU C 45 23.00 20.16 -18.92
CA GLU C 45 23.61 20.83 -20.05
C GLU C 45 24.96 21.43 -19.76
N LEU C 46 25.25 21.68 -18.48
CA LEU C 46 26.53 22.28 -18.13
C LEU C 46 27.43 21.26 -17.51
N LEU C 47 27.02 20.00 -17.54
CA LEU C 47 27.83 18.97 -16.92
C LEU C 47 29.23 18.86 -17.52
N GLY C 48 29.30 18.94 -18.86
CA GLY C 48 30.55 18.84 -19.61
C GLY C 48 30.34 18.60 -21.10
N GLU C 49 31.17 17.75 -21.71
CA GLU C 49 31.12 17.44 -23.13
C GLU C 49 30.37 16.13 -23.39
N VAL C 50 29.37 16.21 -24.26
CA VAL C 50 28.62 15.01 -24.56
C VAL C 50 29.41 14.16 -25.47
N VAL C 51 29.93 13.07 -24.95
CA VAL C 51 30.73 12.11 -25.72
C VAL C 51 29.90 11.17 -26.61
N ALA C 52 28.63 10.94 -26.25
CA ALA C 52 27.75 10.05 -27.03
C ALA C 52 26.27 10.11 -26.64
N GLU C 53 25.37 9.93 -27.61
CA GLU C 53 23.95 9.89 -27.32
C GLU C 53 23.37 8.64 -27.93
N VAL C 54 22.82 7.80 -27.08
CA VAL C 54 22.25 6.54 -27.50
C VAL C 54 20.74 6.59 -27.39
N PRO C 55 20.01 6.36 -28.50
CA PRO C 55 18.55 6.40 -28.37
C PRO C 55 18.19 5.33 -27.31
N THR C 56 17.42 5.72 -26.31
CA THR C 56 17.11 4.81 -25.23
C THR C 56 16.35 3.55 -25.58
N HIS C 57 15.28 3.71 -26.37
CA HIS C 57 14.46 2.59 -26.77
C HIS C 57 15.33 1.52 -27.43
N GLU C 58 16.65 1.77 -27.46
CA GLU C 58 17.61 0.87 -28.12
C GLU C 58 18.52 0.07 -27.17
N ILE C 59 18.45 0.42 -25.89
CA ILE C 59 19.26 -0.29 -24.91
C ILE C 59 18.41 -1.44 -24.35
N PRO C 60 18.97 -2.65 -24.25
CA PRO C 60 18.30 -3.83 -23.70
C PRO C 60 17.49 -3.56 -22.44
N GLY C 61 16.29 -4.11 -22.36
CA GLY C 61 15.48 -3.87 -21.18
C GLY C 61 14.71 -2.57 -21.16
N PHE C 62 15.03 -1.61 -22.03
CA PHE C 62 14.27 -0.35 -22.02
C PHE C 62 13.02 -0.28 -22.93
N SER C 63 12.58 0.94 -23.23
CA SER C 63 11.39 1.29 -24.04
C SER C 63 10.27 1.60 -23.03
N SER C 64 14.34 8.89 -23.76
CA SER C 64 14.44 9.02 -25.25
C SER C 64 15.90 8.82 -25.70
N VAL C 65 16.78 9.61 -25.11
CA VAL C 65 18.19 9.51 -25.44
C VAL C 65 18.95 9.39 -24.11
N THR C 66 19.88 8.46 -24.08
CA THR C 66 20.70 8.23 -22.91
C THR C 66 22.08 8.85 -23.20
N ARG C 67 22.61 9.67 -22.29
CA ARG C 67 23.87 10.33 -22.55
C ARG C 67 25.12 9.95 -21.80
N SER C 68 26.26 10.01 -22.51
CA SER C 68 27.59 9.71 -21.93
C SER C 68 28.29 11.03 -21.98
N ILE C 69 28.60 11.58 -20.80
CA ILE C 69 29.25 12.89 -20.67
C ILE C 69 30.58 12.88 -19.93
N ARG C 70 31.58 13.52 -20.51
CA ARG C 70 32.92 13.65 -19.95
C ARG C 70 32.89 14.85 -19.00
N VAL C 71 33.28 14.61 -17.77
CA VAL C 71 33.29 15.63 -16.76
C VAL C 71 34.71 15.90 -16.42
N GLU C 72 35.12 17.15 -16.61
CA GLU C 72 36.48 17.56 -16.33
C GLU C 72 36.61 17.99 -14.88
N ARG C 73 37.60 17.42 -14.20
CA ARG C 73 37.83 17.75 -12.79
C ARG C 73 38.96 18.79 -12.50
N ALA C 74 39.01 19.26 -11.24
CA ALA C 74 39.98 20.29 -10.83
C ALA C 74 41.41 19.88 -11.14
N ASP C 75 41.73 18.64 -10.79
CA ASP C 75 43.06 18.13 -11.03
C ASP C 75 43.29 17.68 -12.48
N GLY C 76 42.41 18.07 -13.40
CA GLY C 76 42.59 17.69 -14.80
C GLY C 76 42.11 16.31 -15.21
N SER C 77 41.94 15.38 -14.26
CA SER C 77 41.44 14.04 -14.60
C SER C 77 39.99 14.13 -15.10
N VAL C 78 39.43 13.02 -15.57
CA VAL C 78 38.05 13.07 -16.04
C VAL C 78 37.18 11.94 -15.49
N ARG C 79 35.89 12.19 -15.44
CA ARG C 79 34.96 11.18 -14.98
C ARG C 79 33.92 11.11 -16.06
N HIS C 80 33.30 9.95 -16.16
CA HIS C 80 32.21 9.75 -17.10
C HIS C 80 30.86 9.58 -16.37
N ALA C 81 29.93 10.43 -16.79
CA ALA C 81 28.58 10.47 -16.25
C ALA C 81 27.61 9.87 -17.25
N LEU C 82 26.87 8.85 -16.80
CA LEU C 82 25.86 8.22 -17.64
C LEU C 82 24.56 8.99 -17.30
N VAL C 83 24.05 9.79 -18.23
CA VAL C 83 22.82 10.48 -17.92
C VAL C 83 21.69 9.68 -18.55
N LEU C 84 20.89 9.03 -17.72
CA LEU C 84 19.79 8.20 -18.18
C LEU C 84 18.70 8.96 -18.95
N GLY C 85 18.29 8.40 -20.09
CA GLY C 85 17.23 9.07 -20.84
C GLY C 85 15.96 8.58 -20.18
N SER C 86 14.82 8.62 -20.84
CA SER C 86 13.58 8.09 -20.23
C SER C 86 13.23 8.50 -18.77
N ARG C 87 12.81 7.46 -18.07
CA ARG C 87 12.39 7.43 -16.67
C ARG C 87 10.99 6.78 -16.62
N THR C 88 10.93 5.57 -16.07
CA THR C 88 9.67 4.84 -15.96
C THR C 88 9.08 4.95 -14.56
N HIS C 89 7.85 5.42 -14.47
CA HIS C 89 7.20 5.57 -13.17
C HIS C 89 6.45 4.33 -12.73
N LEU C 90 6.29 4.21 -11.41
CA LEU C 90 5.56 3.09 -10.82
C LEU C 90 4.14 3.09 -11.42
N TYR C 91 3.57 4.27 -11.64
CA TYR C 91 2.20 4.32 -12.15
C TYR C 91 1.98 3.81 -13.56
N GLU C 92 2.96 3.91 -14.44
CA GLU C 92 2.74 3.43 -15.79
C GLU C 92 2.30 1.99 -15.87
N GLY C 93 2.31 1.28 -14.74
CA GLY C 93 1.92 -0.13 -14.75
C GLY C 93 2.92 -1.12 -15.36
N LYS C 94 4.13 -0.66 -15.71
CA LYS C 94 5.12 -1.56 -16.30
C LYS C 94 5.82 -2.51 -15.33
N GLY C 95 5.63 -2.31 -14.02
CA GLY C 95 6.31 -3.21 -13.10
C GLY C 95 7.44 -2.49 -12.36
N VAL C 96 7.78 -2.95 -11.15
CA VAL C 96 8.82 -2.30 -10.41
C VAL C 96 10.20 -2.49 -11.10
N ARG C 97 10.39 -3.60 -11.81
CA ARG C 97 11.63 -3.85 -12.49
C ARG C 97 11.96 -2.74 -13.52
N ALA C 98 10.95 -2.29 -14.25
CA ALA C 98 11.20 -1.26 -15.25
C ALA C 98 11.41 0.10 -14.62
N VAL C 99 11.07 0.20 -13.34
CA VAL C 99 11.21 1.46 -12.64
C VAL C 99 12.66 1.64 -12.25
N VAL C 100 13.30 0.54 -11.87
CA VAL C 100 14.67 0.60 -11.41
C VAL C 100 15.70 0.00 -12.36
N HIS C 101 15.32 -0.18 -13.62
CA HIS C 101 16.22 -0.75 -14.61
C HIS C 101 17.32 0.28 -14.90
N GLY C 102 16.92 1.55 -14.94
CA GLY C 102 17.84 2.64 -15.16
C GLY C 102 18.94 2.51 -14.12
N VAL C 103 18.55 2.49 -12.85
CA VAL C 103 19.54 2.38 -11.78
C VAL C 103 20.41 1.16 -11.93
N ARG C 104 19.81 0.01 -12.14
CA ARG C 104 20.61 -1.18 -12.26
C ARG C 104 21.52 -1.17 -13.48
N THR C 105 21.12 -0.48 -14.55
CA THR C 105 21.97 -0.39 -15.73
C THR C 105 23.16 0.51 -15.37
N ALA C 106 22.92 1.60 -14.65
CA ALA C 106 24.00 2.49 -14.21
C ALA C 106 25.05 1.67 -13.43
N ALA C 107 24.64 1.05 -12.34
CA ALA C 107 25.55 0.25 -11.53
C ALA C 107 26.36 -0.76 -12.37
N ALA C 108 25.71 -1.37 -13.36
CA ALA C 108 26.35 -2.39 -14.17
C ALA C 108 27.45 -1.82 -15.07
N THR C 109 27.39 -0.50 -15.31
CA THR C 109 28.37 0.16 -16.14
C THR C 109 29.52 0.54 -15.23
N GLY C 110 29.36 0.28 -13.92
CA GLY C 110 30.43 0.60 -12.99
C GLY C 110 30.28 1.88 -12.22
N ALA C 111 29.22 2.63 -12.49
CA ALA C 111 28.97 3.88 -11.75
C ALA C 111 28.95 3.57 -10.24
N GLU C 112 29.42 4.49 -9.39
CA GLU C 112 29.42 4.30 -7.92
C GLU C 112 28.58 5.34 -7.19
N THR C 113 28.32 6.43 -7.88
CA THR C 113 27.53 7.51 -7.35
C THR C 113 26.31 7.72 -8.25
N LEU C 114 25.17 7.98 -7.63
CA LEU C 114 23.95 8.15 -8.40
C LEU C 114 23.26 9.39 -7.91
N ILE C 115 22.92 10.29 -8.82
CA ILE C 115 22.19 11.50 -8.44
C ILE C 115 20.72 11.37 -8.94
N LEU C 116 19.79 11.23 -7.98
CA LEU C 116 18.35 11.10 -8.26
C LEU C 116 17.73 12.46 -8.05
N THR C 117 17.07 13.00 -9.07
CA THR C 117 16.43 14.29 -8.94
C THR C 117 14.96 14.06 -9.25
N ASN C 118 14.10 14.96 -8.76
CA ASN C 118 12.66 14.89 -9.01
C ASN C 118 12.03 16.24 -8.69
N GLY C 119 10.77 16.40 -9.06
CA GLY C 119 10.02 17.60 -8.74
C GLY C 119 8.99 17.06 -7.77
N CYS C 120 8.59 17.85 -6.81
CA CYS C 120 7.62 17.35 -5.85
C CYS C 120 6.83 18.52 -5.25
N GLY C 121 5.89 18.21 -4.37
CA GLY C 121 5.16 19.29 -3.72
C GLY C 121 5.85 19.46 -2.38
N GLY C 122 5.88 20.66 -1.81
CA GLY C 122 6.53 20.81 -0.51
C GLY C 122 5.61 21.08 0.69
N LEU C 123 5.98 20.62 1.87
CA LEU C 123 5.15 20.88 3.05
C LEU C 123 5.64 22.03 3.93
N ASN C 124 6.83 22.51 3.67
CA ASN C 124 7.41 23.59 4.46
C ASN C 124 7.14 24.84 3.66
N GLN C 125 6.55 25.85 4.28
CA GLN C 125 6.27 27.05 3.52
C GLN C 125 7.47 27.93 3.19
N GLU C 126 8.60 27.68 3.83
CA GLU C 126 9.79 28.46 3.53
C GLU C 126 10.41 27.99 2.21
N TRP C 127 10.00 26.82 1.72
CA TRP C 127 10.54 26.35 0.47
C TRP C 127 9.51 26.45 -0.66
N GLY C 128 9.34 27.65 -1.21
CA GLY C 128 8.36 27.77 -2.27
C GLY C 128 8.78 27.13 -3.59
N ALA C 129 7.94 27.32 -4.60
CA ALA C 129 8.19 26.78 -5.91
C ALA C 129 9.53 27.26 -6.44
N GLY C 130 10.37 26.34 -6.86
CA GLY C 130 11.66 26.73 -7.41
C GLY C 130 12.83 26.39 -6.51
N THR C 131 12.53 26.08 -5.24
CA THR C 131 13.54 25.77 -4.24
C THR C 131 14.04 24.35 -4.38
N PRO C 132 15.37 24.16 -4.54
CA PRO C 132 16.00 22.82 -4.65
C PRO C 132 16.16 22.37 -3.18
N VAL C 133 15.90 21.10 -2.86
CA VAL C 133 16.01 20.60 -1.49
C VAL C 133 16.72 19.25 -1.56
N LEU C 134 17.61 18.95 -0.60
CA LEU C 134 18.33 17.67 -0.59
C LEU C 134 17.54 16.71 0.28
N LEU C 135 17.56 15.44 -0.07
CA LEU C 135 16.87 14.43 0.71
C LEU C 135 17.77 13.88 1.82
N SER C 136 17.28 13.86 3.05
CA SER C 136 18.03 13.33 4.17
C SER C 136 17.54 11.93 4.43
N ASP C 137 16.35 11.62 3.95
CA ASP C 137 15.79 10.27 4.17
C ASP C 137 14.46 10.23 3.45
N HIS C 138 13.83 9.05 3.39
CA HIS C 138 12.54 8.99 2.70
C HIS C 138 11.54 8.04 3.38
N ILE C 139 10.29 8.13 2.94
CA ILE C 139 9.20 7.30 3.43
C ILE C 139 8.53 6.83 2.19
N ASN C 140 8.70 5.55 1.93
CA ASN C 140 8.11 4.93 0.75
C ASN C 140 6.70 4.41 1.07
N LEU C 141 5.72 5.18 0.60
CA LEU C 141 4.30 4.89 0.84
C LEU C 141 3.60 4.19 -0.29
N THR C 142 4.35 3.42 -1.09
CA THR C 142 3.76 2.70 -2.23
C THR C 142 3.44 1.23 -1.96
N ALA C 143 3.86 0.72 -0.81
CA ALA C 143 3.59 -0.69 -0.49
C ALA C 143 4.29 -1.59 -1.48
N ARG C 144 5.21 -1.02 -2.22
CA ARG C 144 5.96 -1.86 -3.16
C ARG C 144 7.46 -1.84 -2.85
N SER C 145 8.19 -2.83 -3.35
CA SER C 145 9.64 -2.85 -3.17
C SER C 145 10.32 -3.28 -4.45
N PRO C 146 11.48 -2.68 -4.75
CA PRO C 146 12.16 -3.10 -5.97
C PRO C 146 12.90 -4.43 -5.76
N LEU C 147 13.06 -4.85 -4.51
CA LEU C 147 13.80 -6.10 -4.25
C LEU C 147 12.94 -7.37 -4.31
N GLU C 148 13.44 -8.43 -4.95
CA GLU C 148 12.68 -9.65 -5.13
C GLU C 148 13.12 -10.89 -4.40
N GLY C 149 13.68 -10.77 -3.23
CA GLY C 149 14.06 -12.01 -2.57
C GLY C 149 14.53 -11.72 -1.19
N PRO C 150 15.08 -12.73 -0.47
CA PRO C 150 15.56 -12.56 0.90
C PRO C 150 16.65 -11.51 0.89
N THR C 151 16.63 -10.69 -0.15
CA THR C 151 17.58 -9.61 -0.31
C THR C 151 17.38 -8.65 0.87
N PHE C 152 17.91 -8.99 2.04
CA PHE C 152 17.72 -8.09 3.17
C PHE C 152 18.84 -7.06 3.15
N VAL C 153 18.51 -5.83 2.70
CA VAL C 153 19.48 -4.70 2.62
C VAL C 153 19.24 -3.57 3.63
N ASP C 154 20.33 -3.09 4.24
CA ASP C 154 20.21 -2.01 5.22
C ASP C 154 20.08 -0.65 4.60
N LEU C 155 19.05 0.09 5.03
CA LEU C 155 18.76 1.41 4.49
C LEU C 155 18.87 2.49 5.55
N THR C 156 19.94 2.41 6.33
CA THR C 156 20.08 3.39 7.39
C THR C 156 20.59 4.73 6.88
N ASP C 157 21.32 4.68 5.78
CA ASP C 157 21.80 5.91 5.25
C ASP C 157 21.64 5.86 3.76
N VAL C 158 20.38 5.84 3.31
CA VAL C 158 20.09 5.78 1.89
C VAL C 158 20.71 6.97 1.18
N TYR C 159 20.61 8.16 1.77
CA TYR C 159 21.16 9.35 1.15
C TYR C 159 22.53 9.72 1.80
N SER C 160 23.61 9.18 1.22
CA SER C 160 24.98 9.37 1.66
C SER C 160 25.30 10.72 2.29
N PRO C 161 25.77 10.71 3.53
CA PRO C 161 26.10 12.01 4.16
C PRO C 161 27.29 12.63 3.38
N ARG C 162 28.13 11.75 2.87
CA ARG C 162 29.29 12.15 2.12
C ARG C 162 28.83 13.15 1.10
N LEU C 163 27.96 12.69 0.20
CA LEU C 163 27.45 13.52 -0.89
C LEU C 163 26.74 14.78 -0.48
N ARG C 164 25.87 14.67 0.53
CA ARG C 164 25.14 15.85 1.02
C ARG C 164 26.13 16.91 1.52
N GLU C 165 27.28 16.45 2.02
CA GLU C 165 28.33 17.38 2.49
C GLU C 165 28.89 18.10 1.26
N LEU C 166 29.22 17.34 0.20
CA LEU C 166 29.72 17.95 -1.04
C LEU C 166 28.66 18.90 -1.55
N ALA C 167 27.42 18.41 -1.56
CA ALA C 167 26.29 19.23 -2.00
C ALA C 167 26.36 20.59 -1.28
N HIS C 168 26.69 20.55 0.01
CA HIS C 168 26.76 21.78 0.75
C HIS C 168 28.04 22.62 0.60
N ARG C 169 29.09 22.06 -0.01
CA ARG C 169 30.31 22.85 -0.24
C ARG C 169 29.96 23.69 -1.45
N VAL C 170 29.22 23.06 -2.38
CA VAL C 170 28.80 23.76 -3.58
C VAL C 170 27.87 24.85 -3.15
N ASP C 171 26.79 24.49 -2.48
CA ASP C 171 25.89 25.52 -2.04
C ASP C 171 25.45 25.20 -0.64
N PRO C 172 26.03 25.88 0.34
CA PRO C 172 25.73 25.71 1.76
C PRO C 172 24.30 26.11 2.19
N THR C 173 23.53 26.74 1.29
CA THR C 173 22.13 27.16 1.61
C THR C 173 21.03 26.13 1.28
N LEU C 174 21.38 25.03 0.65
CA LEU C 174 20.40 24.03 0.31
C LEU C 174 19.90 23.40 1.61
N PRO C 175 18.58 23.42 1.82
CA PRO C 175 18.04 22.82 3.05
C PRO C 175 17.87 21.32 2.79
N GLU C 176 17.57 20.53 3.84
CA GLU C 176 17.34 19.08 3.62
C GLU C 176 15.94 18.71 4.15
N GLY C 177 15.33 17.67 3.60
CA GLY C 177 14.02 17.25 4.09
C GLY C 177 13.78 15.80 3.74
N VAL C 178 12.77 15.22 4.39
CA VAL C 178 12.38 13.82 4.19
C VAL C 178 11.37 13.72 3.05
N TYR C 179 11.60 12.81 2.08
CA TYR C 179 10.75 12.63 0.88
C TYR C 179 9.80 11.45 0.98
N ALA C 180 8.52 11.72 0.71
CA ALA C 180 7.48 10.68 0.77
C ALA C 180 7.04 10.33 -0.64
N GLN C 181 7.03 9.04 -0.96
CA GLN C 181 6.61 8.63 -2.30
C GLN C 181 5.22 7.99 -2.28
N PHE C 182 4.27 8.61 -2.99
CA PHE C 182 2.93 8.05 -3.10
C PHE C 182 2.90 7.35 -4.45
N PRO C 183 2.10 6.30 -4.59
CA PRO C 183 2.17 5.73 -5.92
C PRO C 183 1.65 6.64 -7.04
N GLY C 184 0.79 7.60 -6.72
CA GLY C 184 0.28 8.47 -7.77
C GLY C 184 -0.47 7.75 -8.89
N PRO C 185 -0.71 8.42 -10.03
CA PRO C 185 -0.40 9.79 -10.48
C PRO C 185 -1.29 10.93 -10.02
N HIS C 186 -2.41 10.64 -9.39
CA HIS C 186 -3.29 11.73 -8.94
C HIS C 186 -2.50 12.40 -7.83
N TYR C 187 -2.70 13.68 -7.59
CA TYR C 187 -1.98 14.31 -6.51
C TYR C 187 -2.65 14.07 -5.16
N GLU C 188 -2.15 14.70 -4.08
CA GLU C 188 -2.73 14.48 -2.75
C GLU C 188 -3.81 15.45 -2.36
N THR C 189 -4.77 14.94 -1.58
CA THR C 189 -5.88 15.77 -1.06
C THR C 189 -5.28 16.53 0.11
N PRO C 190 -5.90 17.65 0.48
CA PRO C 190 -5.32 18.35 1.63
C PRO C 190 -5.07 17.42 2.85
N ALA C 191 -6.01 16.50 3.15
CA ALA C 191 -5.86 15.61 4.31
C ALA C 191 -4.73 14.61 4.09
N GLU C 192 -4.59 14.15 2.85
CA GLU C 192 -3.49 13.22 2.58
C GLU C 192 -2.17 14.03 2.79
N VAL C 193 -2.19 15.31 2.47
CA VAL C 193 -0.99 16.08 2.68
C VAL C 193 -0.67 16.21 4.13
N ARG C 194 -1.66 16.52 4.98
CA ARG C 194 -1.43 16.64 6.42
C ARG C 194 -0.94 15.31 6.95
N MET C 195 -1.50 14.26 6.38
CA MET C 195 -1.13 12.91 6.74
C MET C 195 0.36 12.79 6.57
N ALA C 196 0.84 12.98 5.34
CA ALA C 196 2.26 12.93 5.07
C ALA C 196 3.03 13.81 6.11
N GLY C 197 2.53 14.98 6.46
CA GLY C 197 3.25 15.77 7.47
C GLY C 197 3.34 14.99 8.82
N ILE C 198 2.19 14.54 9.31
CA ILE C 198 2.12 13.77 10.56
C ILE C 198 3.05 12.58 10.48
N LEU C 199 3.20 11.97 9.31
CA LEU C 199 4.08 10.82 9.20
C LEU C 199 5.58 11.12 9.13
N GLY C 200 5.94 12.41 9.02
CA GLY C 200 7.35 12.79 8.99
C GLY C 200 7.97 13.32 7.70
N ALA C 201 7.17 13.48 6.64
CA ALA C 201 7.65 13.97 5.36
C ALA C 201 7.61 15.48 5.26
N ASP C 202 8.53 16.04 4.45
CA ASP C 202 8.61 17.49 4.22
C ASP C 202 8.29 17.69 2.74
N LEU C 203 8.40 16.60 1.99
CA LEU C 203 8.19 16.63 0.56
C LEU C 203 7.44 15.38 0.13
N VAL C 204 6.52 15.56 -0.82
CA VAL C 204 5.76 14.45 -1.39
C VAL C 204 5.90 14.46 -2.92
N GLY C 205 6.04 13.27 -3.50
CA GLY C 205 6.20 13.18 -4.94
C GLY C 205 5.88 11.77 -5.37
N MET C 206 6.13 11.45 -6.65
CA MET C 206 5.79 10.10 -7.13
C MET C 206 6.92 9.23 -7.60
N SER C 207 8.10 9.41 -7.03
CA SER C 207 9.23 8.57 -7.48
C SER C 207 10.33 8.61 -6.47
N THR C 208 11.52 8.25 -6.96
CA THR C 208 12.76 8.27 -6.21
C THR C 208 13.11 7.19 -5.22
N THR C 209 12.23 6.92 -4.25
CA THR C 209 12.57 5.95 -3.18
C THR C 209 12.80 4.49 -3.65
N LEU C 210 12.05 4.02 -4.64
CA LEU C 210 12.24 2.66 -5.11
C LEU C 210 13.58 2.66 -5.82
N GLU C 211 13.84 3.69 -6.62
CA GLU C 211 15.14 3.74 -7.28
C GLU C 211 16.28 3.72 -6.17
N ALA C 212 16.16 4.59 -5.17
CA ALA C 212 17.16 4.71 -4.10
C ALA C 212 17.42 3.42 -3.38
N ILE C 213 16.35 2.70 -3.09
CA ILE C 213 16.50 1.44 -2.42
C ILE C 213 17.24 0.53 -3.39
N ALA C 214 16.87 0.62 -4.67
CA ALA C 214 17.50 -0.22 -5.68
C ALA C 214 19.00 0.10 -5.76
N ALA C 215 19.34 1.39 -5.85
CA ALA C 215 20.75 1.81 -5.91
C ALA C 215 21.48 1.25 -4.69
N ARG C 216 20.96 1.54 -3.49
CA ARG C 216 21.62 1.08 -2.29
C ARG C 216 21.88 -0.41 -2.30
N HIS C 217 20.95 -1.17 -2.87
CA HIS C 217 21.14 -2.61 -3.00
C HIS C 217 22.34 -2.92 -3.92
N CYS C 218 22.51 -2.10 -4.94
CA CYS C 218 23.62 -2.30 -5.86
C CYS C 218 24.92 -1.71 -5.37
N GLY C 219 24.86 -1.10 -4.18
CA GLY C 219 26.03 -0.53 -3.56
C GLY C 219 26.41 0.86 -3.97
N LEU C 220 25.48 1.57 -4.63
CA LEU C 220 25.74 2.95 -5.06
C LEU C 220 25.63 3.93 -3.92
N GLU C 221 26.30 5.07 -4.07
CA GLU C 221 26.28 6.14 -3.08
C GLU C 221 25.23 7.05 -3.69
N VAL C 222 24.17 7.33 -2.93
CA VAL C 222 23.08 8.12 -3.48
C VAL C 222 22.92 9.55 -3.00
N LEU C 223 22.67 10.47 -3.92
CA LEU C 223 22.46 11.88 -3.57
C LEU C 223 21.10 12.11 -4.17
N GLY C 224 20.18 12.63 -3.35
CA GLY C 224 18.84 12.87 -3.86
C GLY C 224 18.54 14.35 -3.74
N VAL C 225 18.14 14.98 -4.84
CA VAL C 225 17.80 16.40 -4.83
C VAL C 225 16.38 16.62 -5.43
N SER C 226 15.47 17.20 -4.66
CA SER C 226 14.13 17.52 -5.15
C SER C 226 14.15 18.97 -5.57
N LEU C 227 13.17 19.32 -6.39
CA LEU C 227 12.93 20.71 -6.80
C LEU C 227 11.40 20.87 -6.51
N VAL C 228 11.07 21.75 -5.57
CA VAL C 228 9.68 22.00 -5.23
C VAL C 228 8.95 22.65 -6.39
N THR C 229 8.06 21.89 -7.04
CA THR C 229 7.23 22.38 -8.16
C THR C 229 6.36 23.44 -7.51
N ASN C 230 5.76 23.08 -6.39
CA ASN C 230 5.02 24.02 -5.58
C ASN C 230 4.53 23.36 -4.28
N LEU C 231 4.00 24.20 -3.39
CA LEU C 231 3.53 23.78 -2.11
C LEU C 231 2.46 22.72 -2.24
N ALA C 232 2.43 21.76 -1.32
CA ALA C 232 1.42 20.70 -1.37
C ALA C 232 0.02 21.28 -1.10
N ALA C 233 -1.00 20.64 -1.66
CA ALA C 233 -2.42 21.04 -1.53
C ALA C 233 -2.82 21.38 -0.11
N GLY C 234 -3.46 22.55 0.06
CA GLY C 234 -3.89 22.97 1.38
C GLY C 234 -2.83 23.57 2.27
N ILE C 235 -1.56 23.54 1.84
CA ILE C 235 -0.45 24.12 2.61
C ILE C 235 -0.51 25.64 2.58
N SER C 236 -0.28 26.23 1.42
CA SER C 236 -0.32 27.67 1.31
C SER C 236 -1.71 28.29 1.32
N PRO C 237 -1.88 29.41 2.06
CA PRO C 237 -3.16 30.12 2.16
C PRO C 237 -3.52 30.60 0.75
N THR C 238 -2.51 31.18 0.11
CA THR C 238 -2.65 31.70 -1.24
C THR C 238 -1.97 30.82 -2.29
N PRO C 239 -2.64 29.74 -2.75
CA PRO C 239 -1.99 28.90 -3.77
C PRO C 239 -1.57 29.63 -5.05
N LEU C 240 -0.45 29.21 -5.62
CA LEU C 240 0.07 29.80 -6.84
C LEU C 240 -0.80 29.34 -7.99
N SER C 241 -0.82 30.13 -9.08
CA SER C 241 -1.57 29.74 -10.27
C SER C 241 -0.67 28.75 -10.99
N HIS C 242 -1.22 27.94 -11.88
CA HIS C 242 -0.34 27.01 -12.58
C HIS C 242 0.71 27.78 -13.39
N ALA C 243 0.33 28.99 -13.83
CA ALA C 243 1.23 29.86 -14.60
C ALA C 243 2.41 30.29 -13.71
N GLU C 244 2.13 30.61 -12.45
CA GLU C 244 3.18 30.99 -11.51
C GLU C 244 4.09 29.78 -11.20
N VAL C 245 3.51 28.59 -11.16
CA VAL C 245 4.35 27.42 -10.88
C VAL C 245 5.31 27.18 -12.01
N ILE C 246 4.78 26.88 -13.19
CA ILE C 246 5.65 26.65 -14.34
C ILE C 246 6.72 27.75 -14.45
N GLU C 247 6.33 29.01 -14.23
CA GLU C 247 7.29 30.08 -14.32
C GLU C 247 8.41 29.87 -13.24
N ALA C 248 8.04 29.75 -11.96
CA ALA C 248 9.03 29.58 -10.90
C ALA C 248 9.87 28.36 -11.19
N GLY C 249 9.30 27.46 -11.98
CA GLY C 249 10.02 26.24 -12.31
C GLY C 249 11.15 26.53 -13.27
N GLN C 250 10.89 27.31 -14.31
CA GLN C 250 11.94 27.61 -15.28
C GLN C 250 13.02 28.55 -14.76
N ALA C 251 12.62 29.51 -13.94
CA ALA C 251 13.56 30.46 -13.42
C ALA C 251 14.62 29.74 -12.58
N ALA C 252 14.32 28.52 -12.16
CA ALA C 252 15.27 27.76 -11.36
C ALA C 252 16.23 26.98 -12.28
N GLY C 253 15.87 26.83 -13.54
CA GLY C 253 16.73 26.08 -14.45
C GLY C 253 18.24 26.35 -14.35
N PRO C 254 18.68 27.57 -14.62
CA PRO C 254 20.13 27.83 -14.53
C PRO C 254 20.81 27.49 -13.19
N ARG C 255 20.11 27.75 -12.09
CA ARG C 255 20.70 27.43 -10.80
C ARG C 255 20.82 25.92 -10.64
N ILE C 256 19.80 25.21 -11.09
CA ILE C 256 19.74 23.76 -10.98
C ILE C 256 20.81 23.03 -11.80
N SER C 257 21.05 23.47 -13.04
CA SER C 257 22.06 22.82 -13.87
C SER C 257 23.45 23.30 -13.42
N ALA C 258 23.55 24.53 -12.93
CA ALA C 258 24.86 24.94 -12.43
C ALA C 258 25.14 23.96 -11.28
N LEU C 259 24.19 23.86 -10.33
CA LEU C 259 24.32 22.94 -9.18
C LEU C 259 24.83 21.55 -9.49
N LEU C 260 24.24 20.91 -10.49
CA LEU C 260 24.65 19.54 -10.83
C LEU C 260 26.02 19.49 -11.50
N ALA C 261 26.35 20.51 -12.27
CA ALA C 261 27.64 20.53 -12.95
C ALA C 261 28.73 20.65 -11.90
N ASP C 262 28.53 21.58 -10.95
CA ASP C 262 29.52 21.80 -9.89
C ASP C 262 29.63 20.58 -9.00
N ILE C 263 28.50 19.94 -8.72
CA ILE C 263 28.54 18.77 -7.89
C ILE C 263 29.20 17.63 -8.62
N ALA C 264 29.01 17.58 -9.94
CA ALA C 264 29.62 16.50 -10.71
C ALA C 264 31.15 16.57 -10.71
N LYS C 265 31.74 17.75 -10.53
CA LYS C 265 33.19 17.88 -10.49
C LYS C 265 33.63 17.43 -9.08
N ARG C 266 32.70 17.61 -8.12
CA ARG C 266 32.87 17.27 -6.69
C ARG C 266 33.05 18.52 -5.81
#